data_4P3W
#
_entry.id   4P3W
#
_cell.length_a   88.154
_cell.length_b   88.154
_cell.length_c   394.709
_cell.angle_alpha   90.000
_cell.angle_beta   90.000
_cell.angle_gamma   120.000
#
_symmetry.space_group_name_H-M   'H 3'
#
loop_
_entity.id
_entity.type
_entity.pdbx_description
1 polymer Filamin-A
2 polymer 'Filamin-binding LIM protein 1'
3 non-polymer 'SULFATE ION'
4 non-polymer 'PRASEODYMIUM ION'
5 non-polymer 'SODIUM ION'
6 water water
#
loop_
_entity_poly.entity_id
_entity_poly.type
_entity_poly.pdbx_seq_one_letter_code
_entity_poly.pdbx_strand_id
1 'polypeptide(L)'
;GAMGSVANVGSHCDLSLKIPEISIQDMTAQVTSPSGKTHEAEIVEGENHTYCIRFVPAEMGTHTVSVKYKGQHVPGSPFQ
FTVGPLGEGGAHKVRAGGPGLERAEAGVPAEFSIWTREAGAGGLAIAVEGPSKAEISFEDRKDGSCGVAYVVQEPGDYEV
SVKFNEEHIPDSPFVVPVASPS
;
A,B,E,F,D,C
2 'polypeptide(L)' PEKRVASSVFITLAPPRRDVAVAE G,H,K,L,J,I
#
# COMPACT_ATOMS: atom_id res chain seq x y z
N SER A 11 -5.86 38.42 -36.11
CA SER A 11 -6.95 39.19 -36.79
C SER A 11 -8.16 39.52 -35.85
N HIS A 12 -8.21 38.89 -34.67
CA HIS A 12 -9.14 39.28 -33.62
C HIS A 12 -8.68 40.66 -33.03
N CYS A 13 -9.60 41.62 -32.99
CA CYS A 13 -9.34 42.92 -32.39
C CYS A 13 -9.51 42.71 -30.91
N ASP A 14 -8.41 42.71 -30.19
CA ASP A 14 -8.47 42.46 -28.77
C ASP A 14 -9.31 43.55 -28.07
N LEU A 15 -9.27 44.74 -28.62
CA LEU A 15 -10.14 45.85 -28.17
C LEU A 15 -10.35 46.78 -29.34
N SER A 16 -11.56 47.30 -29.52
CA SER A 16 -11.83 48.31 -30.46
C SER A 16 -12.39 49.57 -29.78
N LEU A 17 -11.96 50.71 -30.24
CA LEU A 17 -12.33 52.03 -29.67
C LEU A 17 -12.75 52.94 -30.70
N LYS A 18 -13.92 53.53 -30.54
CA LYS A 18 -14.38 54.52 -31.49
C LYS A 18 -14.07 55.87 -30.86
N ILE A 19 -13.22 56.65 -31.51
CA ILE A 19 -12.71 57.90 -30.96
C ILE A 19 -12.63 58.86 -32.12
N PRO A 20 -13.52 59.87 -32.15
CA PRO A 20 -13.42 60.88 -33.22
C PRO A 20 -12.23 61.90 -33.12
N GLU A 21 -11.84 62.41 -34.29
CA GLU A 21 -10.89 63.54 -34.52
C GLU A 21 -9.55 63.43 -33.78
N ILE A 22 -9.10 62.20 -33.58
CA ILE A 22 -7.70 61.95 -33.28
C ILE A 22 -7.02 61.41 -34.55
N SER A 23 -5.73 61.17 -34.48
CA SER A 23 -4.93 60.60 -35.57
C SER A 23 -3.94 59.58 -35.02
N ILE A 24 -3.97 58.45 -35.68
CA ILE A 24 -3.29 57.22 -35.25
C ILE A 24 -1.79 57.38 -34.92
N GLN A 25 -1.11 58.29 -35.63
CA GLN A 25 0.33 58.47 -35.41
C GLN A 25 0.70 59.06 -34.07
N ASP A 26 -0.26 59.62 -33.35
CA ASP A 26 -0.06 60.09 -31.99
C ASP A 26 -0.66 59.25 -30.90
N MET A 27 -1.14 58.05 -31.25
CA MET A 27 -1.74 57.17 -30.30
C MET A 27 -0.79 56.06 -29.89
N THR A 28 -0.84 55.67 -28.62
CA THR A 28 -0.07 54.56 -28.13
C THR A 28 -0.89 53.64 -27.29
N ALA A 29 -0.65 52.37 -27.47
CA ALA A 29 -1.33 51.32 -26.78
C ALA A 29 -0.36 50.40 -26.19
N GLN A 30 -0.23 50.41 -24.86
CA GLN A 30 0.74 49.56 -24.20
C GLN A 30 0.06 48.52 -23.39
N VAL A 31 0.39 47.28 -23.71
CA VAL A 31 -0.16 46.10 -23.13
C VAL A 31 0.75 45.56 -22.06
N THR A 32 0.22 45.36 -20.84
CA THR A 32 0.95 44.70 -19.79
C THR A 32 0.37 43.28 -19.63
N SER A 33 1.25 42.31 -19.68
CA SER A 33 0.86 40.92 -19.47
C SER A 33 0.89 40.54 -17.99
N PRO A 34 0.32 39.38 -17.67
CA PRO A 34 0.34 38.96 -16.24
C PRO A 34 1.73 38.89 -15.63
N SER A 35 2.75 38.45 -16.39
CA SER A 35 4.13 38.50 -15.89
C SER A 35 4.68 39.88 -15.57
N GLY A 36 3.98 40.95 -15.91
CA GLY A 36 4.46 42.32 -15.75
C GLY A 36 5.20 42.83 -17.00
N LYS A 37 5.35 42.00 -18.03
CA LYS A 37 6.09 42.43 -19.24
C LYS A 37 5.17 43.36 -20.02
N THR A 38 5.73 44.43 -20.52
CA THR A 38 4.97 45.30 -21.41
C THR A 38 5.33 45.19 -22.86
N HIS A 39 4.32 45.39 -23.71
CA HIS A 39 4.51 45.35 -25.15
C HIS A 39 3.63 46.37 -25.81
N GLU A 40 4.09 46.86 -26.94
CA GLU A 40 3.40 47.87 -27.65
C GLU A 40 2.41 47.17 -28.61
N ALA A 41 1.12 47.51 -28.53
CA ALA A 41 0.07 46.84 -29.34
C ALA A 41 0.06 47.53 -30.69
N GLU A 42 -0.35 46.81 -31.73
CA GLU A 42 -0.59 47.40 -33.06
C GLU A 42 -1.96 48.07 -33.08
N ILE A 43 -2.05 49.28 -33.58
CA ILE A 43 -3.27 50.01 -33.68
C ILE A 43 -3.51 50.17 -35.16
N VAL A 44 -4.66 49.74 -35.65
CA VAL A 44 -5.12 50.06 -36.99
C VAL A 44 -6.46 50.76 -36.98
N GLU A 45 -6.65 51.66 -37.91
CA GLU A 45 -7.87 52.46 -37.99
C GLU A 45 -8.76 51.75 -38.97
N GLY A 46 -9.92 51.28 -38.50
CA GLY A 46 -10.99 50.76 -39.33
C GLY A 46 -11.95 51.84 -39.83
N GLU A 47 -13.15 51.39 -40.24
CA GLU A 47 -14.21 52.26 -40.76
C GLU A 47 -14.82 53.05 -39.60
N ASN A 48 -15.26 54.27 -39.92
CA ASN A 48 -15.58 55.29 -38.94
C ASN A 48 -14.17 55.69 -38.50
N HIS A 49 -14.09 56.09 -37.25
CA HIS A 49 -12.86 56.34 -36.54
C HIS A 49 -12.86 55.30 -35.40
N THR A 50 -12.87 54.02 -35.83
CA THR A 50 -12.89 52.83 -34.95
C THR A 50 -11.53 52.14 -35.07
N TYR A 51 -10.80 52.14 -33.98
CA TYR A 51 -9.43 51.70 -33.95
C TYR A 51 -9.38 50.35 -33.35
N CYS A 52 -8.68 49.46 -34.02
CA CYS A 52 -8.57 48.06 -33.64
C CYS A 52 -7.24 47.93 -32.97
N ILE A 53 -7.24 47.47 -31.72
CA ILE A 53 -6.03 47.24 -31.02
C ILE A 53 -5.76 45.75 -30.95
N ARG A 54 -4.61 45.34 -31.47
CA ARG A 54 -4.26 43.94 -31.60
C ARG A 54 -2.88 43.65 -31.05
N PHE A 55 -2.84 42.51 -30.39
CA PHE A 55 -1.71 42.08 -29.59
C PHE A 55 -1.61 40.55 -29.82
N VAL A 56 -0.43 40.02 -30.05
CA VAL A 56 -0.28 38.56 -30.12
C VAL A 56 0.27 38.13 -28.77
N PRO A 57 -0.53 37.42 -27.97
CA PRO A 57 -0.11 37.20 -26.60
C PRO A 57 0.89 36.02 -26.53
N ALA A 58 1.87 36.14 -25.66
CA ALA A 58 2.73 35.04 -25.24
C ALA A 58 2.24 34.36 -23.96
N GLU A 59 1.31 35.01 -23.26
CA GLU A 59 0.82 34.55 -21.96
C GLU A 59 -0.69 34.57 -21.95
N MET A 60 -1.30 33.68 -21.17
CA MET A 60 -2.71 33.70 -21.02
C MET A 60 -3.07 34.53 -19.83
N GLY A 61 -4.33 34.95 -19.80
CA GLY A 61 -4.90 35.72 -18.68
C GLY A 61 -5.32 37.08 -19.13
N THR A 62 -5.74 37.90 -18.16
CA THR A 62 -6.22 39.25 -18.41
C THR A 62 -5.06 40.18 -18.62
N HIS A 63 -5.08 40.90 -19.75
CA HIS A 63 -4.05 41.86 -20.09
C HIS A 63 -4.55 43.24 -19.88
N THR A 64 -3.72 44.14 -19.44
CA THR A 64 -4.10 45.54 -19.34
C THR A 64 -3.56 46.31 -20.58
N VAL A 65 -4.33 47.24 -21.09
CA VAL A 65 -3.89 48.18 -22.07
C VAL A 65 -4.15 49.64 -21.69
N SER A 66 -3.05 50.41 -21.52
CA SER A 66 -3.16 51.86 -21.50
C SER A 66 -3.17 52.42 -22.93
N VAL A 67 -4.11 53.27 -23.22
CA VAL A 67 -4.26 53.93 -24.53
C VAL A 67 -4.18 55.45 -24.31
N LYS A 68 -3.21 56.07 -24.93
CA LYS A 68 -2.96 57.49 -24.84
C LYS A 68 -2.97 58.11 -26.21
N TYR A 69 -3.51 59.32 -26.27
CA TYR A 69 -3.40 60.16 -27.44
C TYR A 69 -2.61 61.41 -27.02
N LYS A 70 -1.57 61.73 -27.77
CA LYS A 70 -0.63 62.81 -27.43
C LYS A 70 -0.17 62.79 -25.98
N GLY A 71 0.15 61.62 -25.48
CA GLY A 71 0.64 61.44 -24.13
C GLY A 71 -0.40 61.43 -23.03
N GLN A 72 -1.69 61.57 -23.36
CA GLN A 72 -2.71 61.57 -22.31
C GLN A 72 -3.62 60.34 -22.45
N HIS A 73 -3.94 59.65 -21.34
CA HIS A 73 -4.92 58.56 -21.34
C HIS A 73 -6.15 59.02 -22.07
N VAL A 74 -6.67 58.17 -22.92
CA VAL A 74 -8.03 58.42 -23.47
C VAL A 74 -9.06 58.12 -22.41
N PRO A 75 -10.27 58.67 -22.55
CA PRO A 75 -11.36 58.18 -21.74
C PRO A 75 -11.56 56.66 -21.77
N GLY A 76 -11.57 56.06 -20.58
CA GLY A 76 -11.67 54.61 -20.40
C GLY A 76 -10.40 53.94 -20.00
N SER A 77 -9.24 54.55 -20.34
CA SER A 77 -7.91 53.92 -20.15
C SER A 77 -7.56 53.99 -18.64
N PRO A 78 -7.08 52.94 -18.00
CA PRO A 78 -6.59 51.70 -18.71
C PRO A 78 -7.73 50.73 -18.93
N PHE A 79 -7.71 50.03 -20.07
CA PHE A 79 -8.70 49.02 -20.40
C PHE A 79 -8.09 47.70 -20.09
N GLN A 80 -8.91 46.67 -19.98
CA GLN A 80 -8.34 45.31 -19.91
C GLN A 80 -9.16 44.41 -20.82
N PHE A 81 -8.52 43.32 -21.23
CA PHE A 81 -9.14 42.31 -22.04
C PHE A 81 -8.56 40.96 -21.70
N THR A 82 -9.31 39.89 -22.00
CA THR A 82 -8.80 38.57 -21.75
C THR A 82 -8.48 37.91 -23.07
N VAL A 83 -7.54 36.99 -23.06
CA VAL A 83 -7.08 36.35 -24.31
C VAL A 83 -7.53 34.90 -24.36
N GLY A 84 -7.64 34.36 -25.56
CA GLY A 84 -7.95 32.95 -25.73
C GLY A 84 -9.43 32.75 -26.10
N PRO A 85 -9.80 31.59 -26.61
CA PRO A 85 -8.93 30.45 -26.77
C PRO A 85 -8.04 30.49 -28.00
N LEU A 86 -7.13 29.55 -28.07
CA LEU A 86 -6.12 29.52 -29.12
C LEU A 86 -6.52 28.71 -30.33
N GLY A 87 -7.61 27.93 -30.29
CA GLY A 87 -7.96 27.10 -31.45
C GLY A 87 -7.13 25.82 -31.54
N GLU A 88 -6.38 25.52 -30.48
CA GLU A 88 -5.55 24.33 -30.47
C GLU A 88 -6.05 23.33 -29.41
N GLY A 89 -7.22 22.78 -29.54
CA GLY A 89 -7.66 21.93 -28.45
C GLY A 89 -8.41 22.94 -27.65
N GLY A 90 -8.53 22.88 -26.33
CA GLY A 90 -7.80 22.09 -25.36
C GLY A 90 -8.58 22.21 -24.04
N ALA A 91 -9.45 23.18 -23.98
CA ALA A 91 -10.42 23.31 -22.93
C ALA A 91 -11.25 22.03 -22.81
N HIS A 92 -11.49 21.39 -23.93
CA HIS A 92 -12.25 20.18 -23.93
C HIS A 92 -11.57 19.03 -23.33
N LYS A 93 -10.27 19.14 -23.05
CA LYS A 93 -9.53 18.07 -22.37
C LYS A 93 -9.49 18.20 -20.83
N VAL A 94 -9.95 19.35 -20.29
CA VAL A 94 -10.01 19.59 -18.86
C VAL A 94 -11.32 19.00 -18.29
N ARG A 95 -11.26 18.51 -17.06
CA ARG A 95 -12.44 17.95 -16.38
C ARG A 95 -12.43 18.49 -14.97
N ALA A 96 -13.62 18.75 -14.44
CA ALA A 96 -13.80 19.19 -13.10
C ALA A 96 -14.95 18.47 -12.48
N GLY A 97 -14.82 18.23 -11.19
CA GLY A 97 -15.92 17.55 -10.52
C GLY A 97 -15.78 17.65 -9.03
N GLY A 98 -16.88 17.47 -8.32
CA GLY A 98 -16.84 17.29 -6.88
C GLY A 98 -18.08 17.92 -6.24
N PRO A 99 -18.27 17.73 -4.94
CA PRO A 99 -19.46 18.30 -4.24
C PRO A 99 -19.72 19.78 -4.35
N GLY A 100 -18.66 20.60 -4.36
CA GLY A 100 -18.78 21.99 -4.60
C GLY A 100 -19.30 22.42 -5.97
N LEU A 101 -19.29 21.51 -6.95
CA LEU A 101 -20.07 21.73 -8.17
C LEU A 101 -21.45 21.11 -8.21
N GLU A 102 -21.96 20.61 -7.11
CA GLU A 102 -23.28 19.97 -7.08
C GLU A 102 -24.20 20.65 -6.11
N ARG A 103 -23.77 20.85 -4.87
CA ARG A 103 -24.58 21.50 -3.81
C ARG A 103 -23.58 22.07 -2.81
N ALA A 104 -23.95 23.14 -2.17
CA ALA A 104 -23.09 23.70 -1.09
C ALA A 104 -23.92 24.30 0.02
N GLU A 105 -23.27 24.73 1.10
CA GLU A 105 -23.90 25.42 2.22
C GLU A 105 -23.21 26.77 2.50
N ALA A 106 -24.00 27.79 2.80
CA ALA A 106 -23.48 29.12 3.07
C ALA A 106 -22.51 29.08 4.21
N GLY A 107 -21.34 29.62 4.00
CA GLY A 107 -20.32 29.72 5.07
C GLY A 107 -19.40 28.53 5.13
N VAL A 108 -19.66 27.50 4.31
CA VAL A 108 -18.92 26.22 4.44
C VAL A 108 -18.13 25.93 3.14
N PRO A 109 -16.80 25.72 3.23
CA PRO A 109 -16.03 25.45 2.01
C PRO A 109 -16.67 24.39 1.06
N ALA A 110 -16.92 24.78 -0.16
CA ALA A 110 -17.48 23.92 -1.18
C ALA A 110 -16.29 23.51 -2.05
N GLU A 111 -16.01 22.22 -2.08
CA GLU A 111 -14.70 21.75 -2.66
C GLU A 111 -14.90 20.99 -3.97
N PHE A 112 -13.94 21.12 -4.88
CA PHE A 112 -13.93 20.37 -6.09
C PHE A 112 -12.52 20.29 -6.66
N SER A 113 -12.33 19.38 -7.61
CA SER A 113 -11.06 19.22 -8.27
C SER A 113 -11.19 19.53 -9.76
N ILE A 114 -10.07 19.89 -10.32
CA ILE A 114 -9.88 20.15 -11.73
C ILE A 114 -8.69 19.34 -12.22
N TRP A 115 -8.86 18.62 -13.31
CA TRP A 115 -7.76 17.87 -13.92
C TRP A 115 -7.39 18.58 -15.20
N THR A 116 -6.16 19.05 -15.25
CA THR A 116 -5.70 19.93 -16.32
C THR A 116 -4.53 19.31 -17.12
N ARG A 117 -3.97 18.19 -16.70
CA ARG A 117 -2.74 17.64 -17.23
C ARG A 117 -2.82 17.37 -18.76
N GLU A 118 -3.96 16.92 -19.26
CA GLU A 118 -4.13 16.66 -20.67
C GLU A 118 -4.22 17.90 -21.54
N ALA A 119 -4.71 19.01 -21.00
CA ALA A 119 -4.69 20.29 -21.71
C ALA A 119 -3.29 20.87 -21.78
N GLY A 120 -2.48 20.62 -20.77
CA GLY A 120 -1.12 21.20 -20.72
C GLY A 120 -1.14 22.67 -20.24
N ALA A 121 -0.15 23.43 -20.66
CA ALA A 121 0.04 24.79 -20.22
C ALA A 121 -1.11 25.67 -20.76
N GLY A 122 -1.46 26.71 -20.02
CA GLY A 122 -2.48 27.63 -20.38
C GLY A 122 -2.92 28.45 -19.18
N GLY A 123 -4.14 28.99 -19.25
CA GLY A 123 -4.72 29.79 -18.17
C GLY A 123 -6.07 29.20 -17.70
N LEU A 124 -6.18 28.98 -16.40
CA LEU A 124 -7.37 28.45 -15.78
C LEU A 124 -8.10 29.48 -14.98
N ALA A 125 -9.34 29.73 -15.34
CA ALA A 125 -10.11 30.68 -14.66
C ALA A 125 -11.28 30.01 -13.95
N ILE A 126 -11.50 30.43 -12.72
CA ILE A 126 -12.60 29.97 -11.86
C ILE A 126 -13.39 31.14 -11.49
N ALA A 127 -14.65 31.16 -11.87
CA ALA A 127 -15.50 32.25 -11.47
C ALA A 127 -16.74 31.73 -10.72
N VAL A 128 -17.24 32.52 -9.81
CA VAL A 128 -18.39 32.16 -8.98
C VAL A 128 -19.25 33.38 -9.01
N GLU A 129 -20.43 33.20 -9.54
CA GLU A 129 -21.41 34.24 -9.59
C GLU A 129 -22.70 33.95 -8.84
N GLY A 130 -23.18 34.95 -8.13
CA GLY A 130 -24.40 34.78 -7.34
C GLY A 130 -24.60 35.86 -6.29
N PRO A 131 -25.50 35.61 -5.30
CA PRO A 131 -25.91 36.65 -4.39
C PRO A 131 -24.91 37.06 -3.31
N SER A 132 -23.68 36.54 -3.35
CA SER A 132 -22.57 37.09 -2.55
C SER A 132 -21.25 36.81 -3.23
N LYS A 133 -20.20 37.50 -2.75
CA LYS A 133 -18.86 37.37 -3.17
C LYS A 133 -18.19 36.11 -2.63
N ALA A 134 -17.57 35.36 -3.51
CA ALA A 134 -16.95 34.11 -3.07
C ALA A 134 -15.52 34.39 -2.67
N GLU A 135 -15.05 33.72 -1.63
CA GLU A 135 -13.63 33.58 -1.39
C GLU A 135 -13.24 32.25 -2.02
N ILE A 136 -12.23 32.28 -2.87
CA ILE A 136 -11.75 31.10 -3.59
C ILE A 136 -10.39 30.74 -3.15
N SER A 137 -10.17 29.43 -2.94
CA SER A 137 -8.89 28.86 -2.58
C SER A 137 -8.39 27.94 -3.76
N PHE A 138 -7.08 27.95 -4.04
CA PHE A 138 -6.40 27.04 -4.98
C PHE A 138 -5.31 26.20 -4.27
N GLU A 139 -5.34 24.90 -4.54
CA GLU A 139 -4.36 23.96 -4.08
C GLU A 139 -3.71 23.25 -5.27
N ASP A 140 -2.45 23.54 -5.53
CA ASP A 140 -1.69 22.77 -6.51
C ASP A 140 -1.33 21.45 -5.90
N ARG A 141 -1.57 20.38 -6.63
CA ARG A 141 -1.19 19.05 -6.16
C ARG A 141 -0.17 18.49 -7.13
N LYS A 142 0.73 17.68 -6.63
CA LYS A 142 1.80 17.13 -7.50
C LYS A 142 1.31 15.88 -8.25
N ASP A 143 0.01 15.58 -8.18
CA ASP A 143 -0.57 14.39 -8.77
C ASP A 143 -1.35 14.67 -10.05
N GLY A 144 -1.15 15.84 -10.64
CA GLY A 144 -1.79 16.21 -11.94
C GLY A 144 -3.13 16.94 -11.83
N SER A 145 -3.63 17.10 -10.58
CA SER A 145 -4.94 17.73 -10.28
C SER A 145 -4.74 19.07 -9.47
N CYS A 146 -5.79 19.91 -9.45
CA CYS A 146 -5.82 21.22 -8.72
C CYS A 146 -6.99 20.99 -7.78
N GLY A 147 -6.89 21.37 -6.52
CA GLY A 147 -8.07 21.49 -5.63
C GLY A 147 -8.52 22.91 -5.61
N VAL A 148 -9.83 23.14 -5.68
CA VAL A 148 -10.40 24.43 -5.55
C VAL A 148 -11.42 24.32 -4.40
N ALA A 149 -11.52 25.38 -3.61
CA ALA A 149 -12.61 25.56 -2.67
C ALA A 149 -13.07 26.97 -2.69
N TYR A 150 -14.39 27.18 -2.44
CA TYR A 150 -14.91 28.51 -2.37
C TYR A 150 -15.88 28.55 -1.21
N VAL A 151 -15.99 29.76 -0.64
CA VAL A 151 -16.99 29.96 0.41
C VAL A 151 -17.83 31.16 0.03
N VAL A 152 -19.17 31.00 0.07
CA VAL A 152 -20.06 32.11 -0.19
C VAL A 152 -20.93 32.27 1.05
N GLN A 153 -21.28 33.51 1.35
CA GLN A 153 -21.97 33.79 2.64
C GLN A 153 -23.46 33.61 2.50
N GLU A 154 -24.01 33.86 1.32
CA GLU A 154 -25.46 33.96 1.18
C GLU A 154 -26.00 32.72 0.49
N PRO A 155 -27.12 32.16 0.97
CA PRO A 155 -27.73 31.07 0.21
C PRO A 155 -28.40 31.56 -1.05
N GLY A 156 -28.66 30.62 -2.00
CA GLY A 156 -29.12 31.02 -3.36
C GLY A 156 -28.55 30.11 -4.43
N ASP A 157 -28.86 30.39 -5.70
CA ASP A 157 -28.23 29.62 -6.83
C ASP A 157 -27.06 30.35 -7.37
N TYR A 158 -25.90 29.69 -7.41
CA TYR A 158 -24.66 30.25 -7.86
C TYR A 158 -24.30 29.56 -9.17
N GLU A 159 -23.59 30.26 -10.00
CA GLU A 159 -23.01 29.65 -11.19
C GLU A 159 -21.54 29.62 -11.00
N VAL A 160 -20.98 28.42 -11.09
CA VAL A 160 -19.54 28.24 -10.97
C VAL A 160 -18.97 27.91 -12.37
N SER A 161 -18.09 28.76 -12.84
CA SER A 161 -17.51 28.66 -14.22
C SER A 161 -16.09 28.19 -14.10
N VAL A 162 -15.73 27.17 -14.91
CA VAL A 162 -14.37 26.77 -15.04
C VAL A 162 -13.96 26.86 -16.50
N LYS A 163 -12.99 27.75 -16.78
CA LYS A 163 -12.56 28.00 -18.18
C LYS A 163 -11.07 27.76 -18.33
N PHE A 164 -10.65 27.26 -19.51
CA PHE A 164 -9.27 27.10 -19.89
C PHE A 164 -9.10 27.96 -21.15
N ASN A 165 -8.19 28.93 -21.06
CA ASN A 165 -8.00 29.91 -22.12
C ASN A 165 -9.33 30.56 -22.58
N GLU A 166 -10.17 30.84 -21.58
CA GLU A 166 -11.43 31.50 -21.79
C GLU A 166 -12.49 30.73 -22.53
N GLU A 167 -12.32 29.41 -22.63
CA GLU A 167 -13.33 28.54 -23.08
C GLU A 167 -13.77 27.73 -21.88
N HIS A 168 -15.08 27.63 -21.71
CA HIS A 168 -15.63 26.75 -20.67
C HIS A 168 -15.29 25.27 -20.94
N ILE A 169 -14.86 24.58 -19.89
CA ILE A 169 -14.61 23.18 -19.96
C ILE A 169 -15.97 22.43 -19.99
N PRO A 170 -15.96 21.11 -20.30
CA PRO A 170 -17.17 20.32 -20.31
C PRO A 170 -17.97 20.45 -19.03
N ASP A 171 -19.28 20.67 -19.20
CA ASP A 171 -20.25 20.88 -18.11
C ASP A 171 -20.15 22.21 -17.34
N SER A 172 -19.27 23.11 -17.74
CA SER A 172 -19.23 24.48 -17.21
C SER A 172 -20.16 25.33 -18.05
N PRO A 173 -20.98 26.24 -17.49
CA PRO A 173 -20.97 26.60 -16.08
C PRO A 173 -21.79 25.65 -15.26
N PHE A 174 -21.37 25.42 -14.00
CA PHE A 174 -22.11 24.50 -13.13
C PHE A 174 -23.09 25.29 -12.29
N VAL A 175 -24.38 24.86 -12.22
CA VAL A 175 -25.37 25.59 -11.41
C VAL A 175 -25.43 24.92 -10.06
N VAL A 176 -25.16 25.68 -8.99
CA VAL A 176 -24.96 25.10 -7.70
C VAL A 176 -25.94 25.72 -6.73
N PRO A 177 -26.93 24.95 -6.27
CA PRO A 177 -27.71 25.47 -5.16
C PRO A 177 -26.96 25.49 -3.78
N VAL A 178 -27.01 26.64 -3.12
CA VAL A 178 -26.32 26.84 -1.86
C VAL A 178 -27.37 27.05 -0.80
N ALA A 179 -27.40 26.15 0.17
CA ALA A 179 -28.42 26.20 1.23
C ALA A 179 -27.81 26.87 2.52
N SER A 180 -28.67 27.28 3.43
CA SER A 180 -28.26 27.60 4.76
C SER A 180 -27.71 26.35 5.43
N PRO A 181 -26.68 26.49 6.28
CA PRO A 181 -26.20 25.18 6.82
C PRO A 181 -27.18 24.37 7.64
N SER A 182 -27.05 23.06 7.60
CA SER A 182 -27.81 22.17 8.38
C SER A 182 -27.06 20.80 8.52
N HIS B 12 -12.06 40.21 3.28
CA HIS B 12 -12.07 39.40 2.06
C HIS B 12 -10.69 38.90 1.64
N CYS B 13 -10.52 37.58 1.53
CA CYS B 13 -9.27 37.00 1.08
C CYS B 13 -9.35 37.12 -0.42
N ASP B 14 -8.54 38.02 -0.99
CA ASP B 14 -8.55 38.24 -2.41
C ASP B 14 -8.13 36.96 -3.18
N LEU B 15 -7.25 36.20 -2.57
CA LEU B 15 -6.87 34.87 -3.07
C LEU B 15 -6.40 34.05 -1.89
N SER B 16 -6.78 32.79 -1.85
CA SER B 16 -6.27 31.86 -0.90
C SER B 16 -5.53 30.71 -1.58
N LEU B 17 -4.43 30.29 -0.99
CA LEU B 17 -3.59 29.20 -1.50
C LEU B 17 -3.28 28.22 -0.44
N LYS B 18 -3.52 26.94 -0.72
CA LYS B 18 -3.15 25.92 0.20
C LYS B 18 -1.82 25.34 -0.31
N ILE B 19 -0.77 25.47 0.48
CA ILE B 19 0.56 25.12 0.08
C ILE B 19 1.26 24.50 1.26
N PRO B 20 1.58 23.20 1.17
CA PRO B 20 2.19 22.52 2.33
C PRO B 20 3.57 22.81 2.92
N GLU B 21 4.64 22.90 2.12
CA GLU B 21 6.01 22.71 2.66
C GLU B 21 6.61 24.01 3.21
N ILE B 22 5.82 25.09 3.28
CA ILE B 22 6.43 26.41 3.30
C ILE B 22 6.24 27.18 4.61
N SER B 23 6.90 28.32 4.72
CA SER B 23 6.81 29.22 5.88
C SER B 23 6.69 30.68 5.40
N ILE B 24 5.70 31.33 5.97
CA ILE B 24 5.21 32.63 5.59
C ILE B 24 6.29 33.73 5.50
N GLN B 25 7.34 33.65 6.32
CA GLN B 25 8.40 34.63 6.30
C GLN B 25 9.29 34.64 5.07
N ASP B 26 9.23 33.60 4.25
CA ASP B 26 9.88 33.55 2.95
C ASP B 26 8.97 33.65 1.76
N MET B 27 7.72 34.00 1.97
CA MET B 27 6.81 34.19 0.88
C MET B 27 6.60 35.63 0.53
N THR B 28 6.42 35.90 -0.75
CA THR B 28 6.08 37.25 -1.18
C THR B 28 4.97 37.24 -2.14
N ALA B 29 4.12 38.24 -2.00
CA ALA B 29 2.97 38.41 -2.86
C ALA B 29 2.87 39.77 -3.39
N GLN B 30 3.14 39.96 -4.67
CA GLN B 30 3.17 41.27 -5.23
C GLN B 30 2.05 41.43 -6.18
N VAL B 31 1.23 42.45 -5.90
CA VAL B 31 0.08 42.80 -6.63
C VAL B 31 0.36 43.92 -7.62
N THR B 32 0.07 43.71 -8.92
CA THR B 32 0.12 44.78 -9.90
C THR B 32 -1.30 45.22 -10.25
N SER B 33 -1.54 46.52 -10.14
CA SER B 33 -2.82 47.08 -10.51
C SER B 33 -2.90 47.39 -12.00
N PRO B 34 -4.11 47.65 -12.50
CA PRO B 34 -4.23 48.10 -13.91
C PRO B 34 -3.36 49.29 -14.33
N SER B 35 -3.18 50.30 -13.45
CA SER B 35 -2.21 51.39 -13.73
C SER B 35 -0.77 50.99 -13.89
N GLY B 36 -0.41 49.73 -13.60
CA GLY B 36 0.95 49.25 -13.59
C GLY B 36 1.66 49.45 -12.24
N LYS B 37 0.99 50.02 -11.24
CA LYS B 37 1.59 50.20 -9.90
C LYS B 37 1.64 48.86 -9.17
N THR B 38 2.73 48.61 -8.52
CA THR B 38 2.80 47.43 -7.70
C THR B 38 2.73 47.69 -6.21
N HIS B 39 2.16 46.74 -5.50
CA HIS B 39 2.07 46.81 -4.06
C HIS B 39 2.21 45.44 -3.45
N GLU B 40 2.72 45.40 -2.25
CA GLU B 40 3.03 44.18 -1.58
C GLU B 40 1.80 43.74 -0.76
N ALA B 41 1.28 42.53 -0.99
CA ALA B 41 0.03 42.10 -0.39
C ALA B 41 0.39 41.61 1.00
N GLU B 42 -0.57 41.68 1.94
CA GLU B 42 -0.48 41.00 3.24
C GLU B 42 -0.81 39.49 3.07
N ILE B 43 0.00 38.63 3.66
CA ILE B 43 -0.21 37.23 3.62
C ILE B 43 -0.44 36.86 5.04
N VAL B 44 -1.54 36.18 5.34
CA VAL B 44 -1.72 35.53 6.60
C VAL B 44 -1.97 34.05 6.44
N GLU B 45 -1.51 33.28 7.42
CA GLU B 45 -1.64 31.82 7.38
C GLU B 45 -2.87 31.50 8.19
N GLY B 46 -3.87 30.91 7.54
CA GLY B 46 -5.05 30.34 8.20
C GLY B 46 -4.86 28.88 8.62
N GLU B 47 -6.01 28.21 8.84
CA GLU B 47 -6.05 26.79 9.25
C GLU B 47 -5.64 25.91 8.08
N ASN B 48 -4.98 24.78 8.39
CA ASN B 48 -4.25 23.97 7.43
C ASN B 48 -3.03 24.86 7.22
N HIS B 49 -2.52 24.77 6.02
CA HIS B 49 -1.46 25.60 5.49
C HIS B 49 -2.15 26.31 4.29
N THR B 50 -3.21 27.07 4.64
CA THR B 50 -4.01 27.88 3.73
C THR B 50 -3.70 29.35 3.99
N TYR B 51 -3.11 29.98 3.00
CA TYR B 51 -2.66 31.32 3.13
C TYR B 51 -3.65 32.21 2.48
N CYS B 52 -4.01 33.25 3.21
CA CYS B 52 -4.94 34.27 2.73
C CYS B 52 -4.15 35.48 2.24
N ILE B 53 -4.34 35.86 0.98
CA ILE B 53 -3.68 36.99 0.40
C ILE B 53 -4.66 38.14 0.32
N ARG B 54 -4.32 39.26 0.96
CA ARG B 54 -5.20 40.39 1.01
C ARG B 54 -4.51 41.70 0.63
N PHE B 55 -5.29 42.46 -0.08
CA PHE B 55 -4.85 43.67 -0.76
C PHE B 55 -5.97 44.69 -0.62
N VAL B 56 -5.69 45.92 -0.28
CA VAL B 56 -6.74 46.97 -0.28
C VAL B 56 -6.57 47.75 -1.57
N PRO B 57 -7.53 47.65 -2.50
CA PRO B 57 -7.27 48.17 -3.84
C PRO B 57 -7.58 49.66 -3.89
N ALA B 58 -6.79 50.40 -4.63
CA ALA B 58 -7.07 51.82 -4.95
C ALA B 58 -7.72 51.95 -6.32
N GLU B 59 -7.67 50.87 -7.09
CA GLU B 59 -8.13 50.87 -8.45
C GLU B 59 -9.03 49.66 -8.67
N MET B 60 -9.99 49.80 -9.59
CA MET B 60 -10.83 48.67 -9.92
C MET B 60 -10.22 47.93 -11.08
N GLY B 61 -10.65 46.68 -11.25
CA GLY B 61 -10.24 45.85 -12.36
C GLY B 61 -9.50 44.66 -11.90
N THR B 62 -9.01 43.86 -12.87
CA THR B 62 -8.34 42.63 -12.60
C THR B 62 -6.92 42.96 -12.21
N HIS B 63 -6.53 42.44 -11.04
CA HIS B 63 -5.18 42.61 -10.49
C HIS B 63 -4.42 41.35 -10.64
N THR B 64 -3.12 41.47 -10.82
CA THR B 64 -2.25 40.29 -10.98
C THR B 64 -1.47 40.16 -9.66
N VAL B 65 -1.32 38.93 -9.20
CA VAL B 65 -0.44 38.64 -8.06
C VAL B 65 0.60 37.56 -8.32
N SER B 66 1.88 37.94 -8.25
CA SER B 66 2.95 36.95 -8.27
C SER B 66 3.22 36.54 -6.84
N VAL B 67 3.27 35.23 -6.63
CA VAL B 67 3.49 34.63 -5.33
C VAL B 67 4.74 33.74 -5.43
N LYS B 68 5.74 34.09 -4.65
CA LYS B 68 7.05 33.44 -4.64
C LYS B 68 7.32 32.94 -3.27
N TYR B 69 7.92 31.76 -3.23
CA TYR B 69 8.51 31.21 -2.00
C TYR B 69 10.01 31.07 -2.23
N LYS B 70 10.79 31.67 -1.34
CA LYS B 70 12.25 31.74 -1.47
C LYS B 70 12.73 32.20 -2.82
N GLY B 71 12.08 33.23 -3.34
CA GLY B 71 12.41 33.81 -4.64
C GLY B 71 11.89 33.05 -5.87
N GLN B 72 11.18 31.94 -5.69
CA GLN B 72 10.67 31.22 -6.86
C GLN B 72 9.14 31.25 -6.92
N HIS B 73 8.54 31.51 -8.11
CA HIS B 73 7.09 31.45 -8.29
C HIS B 73 6.60 30.16 -7.72
N VAL B 74 5.50 30.22 -7.00
CA VAL B 74 4.83 29.01 -6.57
C VAL B 74 4.07 28.45 -7.77
N PRO B 75 3.69 27.18 -7.73
CA PRO B 75 2.78 26.66 -8.72
C PRO B 75 1.48 27.45 -8.83
N GLY B 76 1.17 27.89 -10.06
CA GLY B 76 0.02 28.70 -10.37
C GLY B 76 0.30 30.16 -10.60
N SER B 77 1.42 30.67 -10.10
CA SER B 77 1.78 32.06 -10.15
C SER B 77 2.25 32.40 -11.59
N PRO B 78 1.84 33.52 -12.20
CA PRO B 78 1.06 34.59 -11.55
C PRO B 78 -0.41 34.25 -11.57
N PHE B 79 -1.09 34.61 -10.48
CA PHE B 79 -2.51 34.49 -10.35
C PHE B 79 -3.12 35.83 -10.66
N GLN B 80 -4.41 35.83 -10.98
CA GLN B 80 -5.13 37.11 -11.03
C GLN B 80 -6.40 36.97 -10.20
N PHE B 81 -6.95 38.14 -9.83
CA PHE B 81 -8.23 38.24 -9.18
C PHE B 81 -8.89 39.56 -9.50
N THR B 82 -10.23 39.60 -9.36
CA THR B 82 -10.94 40.84 -9.69
C THR B 82 -11.40 41.43 -8.36
N VAL B 83 -11.51 42.73 -8.29
CA VAL B 83 -11.88 43.42 -7.08
C VAL B 83 -13.29 43.96 -7.19
N GLY B 84 -13.95 44.09 -6.06
CA GLY B 84 -15.23 44.76 -5.99
C GLY B 84 -16.33 43.72 -5.79
N PRO B 85 -17.50 44.13 -5.28
CA PRO B 85 -17.89 45.52 -5.19
C PRO B 85 -17.47 46.11 -3.86
N LEU B 86 -17.69 47.41 -3.74
CA LEU B 86 -17.24 48.16 -2.56
C LEU B 86 -18.29 48.30 -1.49
N GLY B 87 -19.56 47.92 -1.73
CA GLY B 87 -20.61 48.13 -0.72
C GLY B 87 -21.11 49.57 -0.66
N GLU B 88 -20.83 50.36 -1.70
CA GLU B 88 -21.34 51.72 -1.83
C GLU B 88 -22.57 51.82 -2.77
N GLY B 89 -23.10 50.70 -3.28
CA GLY B 89 -24.26 50.66 -4.20
C GLY B 89 -24.20 51.33 -5.57
N GLY B 90 -23.01 51.34 -6.16
CA GLY B 90 -22.85 52.01 -7.46
C GLY B 90 -23.58 51.23 -8.59
N ALA B 91 -23.40 49.90 -8.63
CA ALA B 91 -23.93 49.06 -9.70
C ALA B 91 -25.43 49.23 -9.97
N HIS B 92 -26.22 49.33 -8.89
CA HIS B 92 -27.68 49.50 -9.03
C HIS B 92 -28.06 50.85 -9.66
N LYS B 93 -27.13 51.79 -9.77
CA LYS B 93 -27.41 53.09 -10.47
C LYS B 93 -27.11 53.12 -11.95
N VAL B 94 -26.45 52.07 -12.47
CA VAL B 94 -26.09 51.99 -13.87
C VAL B 94 -27.26 51.39 -14.63
N ARG B 95 -27.46 51.83 -15.86
CA ARG B 95 -28.50 51.26 -16.75
C ARG B 95 -27.83 50.98 -18.11
N ALA B 96 -28.29 49.93 -18.78
CA ALA B 96 -27.91 49.61 -20.11
C ALA B 96 -29.13 49.22 -20.93
N GLY B 97 -29.09 49.58 -22.20
CA GLY B 97 -30.20 49.16 -23.09
C GLY B 97 -29.80 49.28 -24.54
N GLY B 98 -30.48 48.53 -25.39
CA GLY B 98 -30.42 48.78 -26.84
C GLY B 98 -30.60 47.45 -27.58
N PRO B 99 -30.70 47.48 -28.92
CA PRO B 99 -30.94 46.29 -29.70
C PRO B 99 -29.96 45.15 -29.49
N GLY B 100 -28.66 45.47 -29.32
CA GLY B 100 -27.70 44.46 -28.98
C GLY B 100 -27.86 43.72 -27.65
N LEU B 101 -28.70 44.24 -26.74
CA LEU B 101 -29.14 43.43 -25.60
C LEU B 101 -30.44 42.70 -25.78
N GLU B 102 -31.00 42.68 -26.97
CA GLU B 102 -32.33 42.09 -27.20
C GLU B 102 -32.24 40.97 -28.24
N ARG B 103 -31.68 41.28 -29.42
CA ARG B 103 -31.55 40.32 -30.52
C ARG B 103 -30.37 40.79 -31.37
N ALA B 104 -29.67 39.86 -31.97
CA ALA B 104 -28.56 40.22 -32.88
C ALA B 104 -28.44 39.25 -34.03
N GLU B 105 -27.58 39.57 -34.99
CA GLU B 105 -27.32 38.72 -36.15
C GLU B 105 -25.80 38.43 -36.26
N ALA B 106 -25.47 37.20 -36.60
CA ALA B 106 -24.06 36.77 -36.71
C ALA B 106 -23.34 37.65 -37.74
N GLY B 107 -22.21 38.19 -37.33
CA GLY B 107 -21.39 38.99 -38.24
C GLY B 107 -21.76 40.45 -38.27
N VAL B 108 -22.85 40.84 -37.58
CA VAL B 108 -23.40 42.24 -37.68
C VAL B 108 -23.31 42.99 -36.31
N PRO B 109 -22.66 44.17 -36.24
CA PRO B 109 -22.49 44.83 -34.92
C PRO B 109 -23.79 44.94 -34.13
N ALA B 110 -23.80 44.42 -32.93
CA ALA B 110 -24.95 44.44 -32.04
C ALA B 110 -24.65 45.59 -31.04
N GLU B 111 -25.52 46.59 -31.04
CA GLU B 111 -25.14 47.87 -30.35
C GLU B 111 -26.01 48.13 -29.14
N PHE B 112 -25.43 48.73 -28.11
CA PHE B 112 -26.18 49.16 -26.99
C PHE B 112 -25.44 50.29 -26.28
N SER B 113 -26.15 50.97 -25.38
CA SER B 113 -25.53 52.02 -24.57
C SER B 113 -25.64 51.67 -23.07
N ILE B 114 -24.75 52.31 -22.33
CA ILE B 114 -24.62 52.17 -20.93
C ILE B 114 -24.55 53.56 -20.34
N TRP B 115 -25.33 53.77 -19.31
CA TRP B 115 -25.30 55.07 -18.62
C TRP B 115 -24.71 54.84 -17.25
N THR B 116 -23.56 55.46 -17.05
CA THR B 116 -22.75 55.24 -15.85
C THR B 116 -22.63 56.47 -14.98
N ARG B 117 -23.09 57.64 -15.39
CA ARG B 117 -22.82 58.90 -14.74
C ARG B 117 -23.28 58.93 -13.26
N GLU B 118 -24.44 58.31 -12.94
CA GLU B 118 -24.93 58.26 -11.58
C GLU B 118 -24.11 57.38 -10.63
N ALA B 119 -23.48 56.36 -11.14
CA ALA B 119 -22.57 55.49 -10.36
C ALA B 119 -21.23 56.14 -10.12
N GLY B 120 -20.76 56.95 -11.06
CA GLY B 120 -19.51 57.69 -10.85
C GLY B 120 -18.32 56.83 -11.18
N ALA B 121 -17.20 57.12 -10.56
CA ALA B 121 -15.95 56.43 -10.83
C ALA B 121 -16.03 54.96 -10.39
N GLY B 122 -15.34 54.10 -11.14
CA GLY B 122 -15.33 52.67 -10.86
C GLY B 122 -14.80 51.91 -12.05
N GLY B 123 -15.13 50.60 -12.11
CA GLY B 123 -14.74 49.73 -13.22
C GLY B 123 -15.92 49.02 -13.90
N LEU B 124 -16.02 49.19 -15.21
CA LEU B 124 -17.10 48.68 -16.00
C LEU B 124 -16.64 47.50 -16.78
N ALA B 125 -17.25 46.38 -16.55
CA ALA B 125 -16.93 45.19 -17.31
C ALA B 125 -18.04 44.77 -18.23
N ILE B 126 -17.70 44.46 -19.46
CA ILE B 126 -18.61 43.93 -20.44
C ILE B 126 -18.15 42.59 -20.85
N ALA B 127 -18.98 41.60 -20.67
CA ALA B 127 -18.59 40.25 -21.14
C ALA B 127 -19.67 39.66 -22.07
N VAL B 128 -19.26 38.80 -23.00
CA VAL B 128 -20.13 38.19 -23.93
C VAL B 128 -19.73 36.72 -23.95
N GLU B 129 -20.65 35.90 -23.55
CA GLU B 129 -20.48 34.45 -23.59
C GLU B 129 -21.39 33.67 -24.52
N GLY B 130 -20.84 32.70 -25.19
CA GLY B 130 -21.58 31.91 -26.18
C GLY B 130 -20.73 31.17 -27.18
N PRO B 131 -21.35 30.69 -28.33
CA PRO B 131 -20.67 29.74 -29.15
C PRO B 131 -19.57 30.31 -30.02
N SER B 132 -19.23 31.59 -29.88
CA SER B 132 -18.01 32.17 -30.51
C SER B 132 -17.52 33.35 -29.69
N LYS B 133 -16.29 33.77 -29.99
CA LYS B 133 -15.64 34.85 -29.39
C LYS B 133 -16.16 36.18 -29.92
N ALA B 134 -16.48 37.09 -29.04
CA ALA B 134 -16.96 38.41 -29.46
C ALA B 134 -15.80 39.34 -29.65
N GLU B 135 -15.90 40.20 -30.65
CA GLU B 135 -15.08 41.44 -30.68
C GLU B 135 -15.95 42.56 -30.12
N ILE B 136 -15.41 43.28 -29.17
CA ILE B 136 -16.17 44.33 -28.44
C ILE B 136 -15.52 45.66 -28.68
N SER B 137 -16.36 46.68 -29.00
CA SER B 137 -15.94 48.06 -29.24
C SER B 137 -16.57 48.95 -28.10
N PHE B 138 -15.79 49.92 -27.63
CA PHE B 138 -16.22 50.97 -26.66
C PHE B 138 -16.11 52.36 -27.29
N GLU B 139 -17.18 53.13 -27.16
CA GLU B 139 -17.25 54.49 -27.55
C GLU B 139 -17.54 55.37 -26.36
N ASP B 140 -16.59 56.20 -25.99
CA ASP B 140 -16.86 57.24 -24.96
C ASP B 140 -17.59 58.35 -25.59
N ARG B 141 -18.66 58.82 -24.97
CA ARG B 141 -19.42 59.89 -25.52
C ARG B 141 -19.36 61.04 -24.51
N LYS B 142 -19.41 62.24 -25.02
CA LYS B 142 -19.36 63.45 -24.11
C LYS B 142 -20.71 63.79 -23.51
N ASP B 143 -21.71 62.93 -23.73
CA ASP B 143 -23.07 63.14 -23.26
C ASP B 143 -23.41 62.29 -22.01
N GLY B 144 -22.43 61.72 -21.32
CA GLY B 144 -22.63 60.95 -20.05
C GLY B 144 -22.84 59.46 -20.22
N SER B 145 -22.92 59.02 -21.49
CA SER B 145 -23.19 57.60 -21.84
C SER B 145 -21.92 56.97 -22.52
N CYS B 146 -21.95 55.65 -22.65
CA CYS B 146 -20.90 54.84 -23.30
C CYS B 146 -21.65 54.10 -24.39
N GLY B 147 -21.13 54.01 -25.62
CA GLY B 147 -21.65 53.11 -26.64
C GLY B 147 -20.82 51.85 -26.66
N VAL B 148 -21.46 50.72 -26.76
CA VAL B 148 -20.79 49.44 -26.81
C VAL B 148 -21.34 48.76 -28.07
N ALA B 149 -20.46 48.05 -28.82
CA ALA B 149 -20.90 47.16 -29.86
C ALA B 149 -20.09 45.91 -29.77
N TYR B 150 -20.69 44.78 -30.20
CA TYR B 150 -19.96 43.55 -30.28
C TYR B 150 -20.35 42.86 -31.55
N VAL B 151 -19.43 42.08 -32.06
CA VAL B 151 -19.80 41.17 -33.17
C VAL B 151 -19.37 39.73 -32.84
N VAL B 152 -20.30 38.79 -33.08
CA VAL B 152 -20.01 37.39 -32.87
C VAL B 152 -20.27 36.70 -34.19
N GLN B 153 -19.47 35.68 -34.47
CA GLN B 153 -19.51 35.04 -35.80
C GLN B 153 -20.60 33.97 -35.87
N GLU B 154 -20.88 33.30 -34.75
CA GLU B 154 -21.74 32.11 -34.78
C GLU B 154 -23.15 32.44 -34.23
N PRO B 155 -24.21 31.97 -34.89
CA PRO B 155 -25.53 32.12 -34.29
C PRO B 155 -25.70 31.21 -33.08
N GLY B 156 -26.69 31.55 -32.24
CA GLY B 156 -26.90 30.84 -30.94
C GLY B 156 -27.43 31.76 -29.88
N ASP B 157 -27.58 31.27 -28.65
CA ASP B 157 -27.94 32.16 -27.52
C ASP B 157 -26.70 32.60 -26.77
N TYR B 158 -26.51 33.92 -26.60
CA TYR B 158 -25.35 34.51 -25.97
C TYR B 158 -25.82 35.17 -24.66
N GLU B 159 -24.94 35.29 -23.74
CA GLU B 159 -25.24 36.02 -22.48
C GLU B 159 -24.33 37.17 -22.47
N VAL B 160 -24.93 38.36 -22.44
CA VAL B 160 -24.15 39.62 -22.34
C VAL B 160 -24.25 40.18 -20.91
N SER B 161 -23.12 40.27 -20.24
CA SER B 161 -23.01 40.72 -18.85
C SER B 161 -22.50 42.13 -18.82
N VAL B 162 -23.15 43.00 -18.02
CA VAL B 162 -22.62 44.32 -17.74
C VAL B 162 -22.50 44.47 -16.22
N LYS B 163 -21.27 44.61 -15.77
CA LYS B 163 -20.96 44.74 -14.33
C LYS B 163 -20.23 46.01 -13.99
N PHE B 164 -20.54 46.57 -12.81
CA PHE B 164 -19.87 47.76 -12.27
C PHE B 164 -19.25 47.25 -11.00
N ASN B 165 -17.93 47.30 -10.95
CA ASN B 165 -17.18 46.81 -9.77
C ASN B 165 -17.50 45.35 -9.44
N GLU B 166 -17.62 44.61 -10.51
CA GLU B 166 -17.97 43.20 -10.39
C GLU B 166 -19.34 42.83 -9.81
N GLU B 167 -20.26 43.80 -9.82
CA GLU B 167 -21.65 43.54 -9.57
C GLU B 167 -22.44 43.78 -10.85
N HIS B 168 -23.32 42.84 -11.17
CA HIS B 168 -24.23 43.03 -12.33
C HIS B 168 -25.23 44.19 -12.13
N ILE B 169 -25.39 45.03 -13.16
CA ILE B 169 -26.27 46.12 -13.17
C ILE B 169 -27.69 45.52 -13.35
N PRO B 170 -28.74 46.32 -13.13
CA PRO B 170 -30.09 45.88 -13.31
C PRO B 170 -30.26 45.22 -14.70
N ASP B 171 -30.89 44.05 -14.69
CA ASP B 171 -31.19 43.24 -15.86
C ASP B 171 -29.99 42.55 -16.54
N SER B 172 -28.79 42.63 -15.95
CA SER B 172 -27.69 41.85 -16.37
C SER B 172 -27.64 40.56 -15.61
N PRO B 173 -27.28 39.41 -16.20
CA PRO B 173 -26.93 39.25 -17.60
C PRO B 173 -28.11 39.27 -18.55
N PHE B 174 -27.87 39.80 -19.73
CA PHE B 174 -28.93 39.82 -20.75
C PHE B 174 -28.79 38.55 -21.63
N VAL B 175 -29.92 37.84 -21.91
CA VAL B 175 -29.89 36.70 -22.79
C VAL B 175 -30.22 37.18 -24.22
N VAL B 176 -29.33 36.96 -25.18
CA VAL B 176 -29.50 37.55 -26.49
C VAL B 176 -29.49 36.41 -27.53
N PRO B 177 -30.62 36.19 -28.20
CA PRO B 177 -30.58 35.27 -29.33
C PRO B 177 -29.98 35.88 -30.61
N VAL B 178 -29.01 35.17 -31.18
CA VAL B 178 -28.23 35.71 -32.32
C VAL B 178 -28.53 34.84 -33.52
N ALA B 179 -29.16 35.42 -34.54
CA ALA B 179 -29.62 34.65 -35.72
C ALA B 179 -28.59 34.80 -36.85
N SER B 180 -28.68 33.93 -37.84
CA SER B 180 -28.01 34.14 -39.12
C SER B 180 -28.56 35.36 -39.80
N PRO B 181 -27.69 36.14 -40.46
CA PRO B 181 -28.32 37.35 -40.96
C PRO B 181 -29.45 37.27 -41.91
N SER B 182 -30.12 38.43 -41.87
CA SER B 182 -31.51 38.64 -42.18
C SER B 182 -32.15 37.65 -43.08
N GLU C 2 -32.68 40.83 -6.09
CA GLU C 2 -31.89 39.58 -6.26
C GLU C 2 -30.51 39.92 -6.85
N LYS C 3 -29.59 40.30 -5.99
CA LYS C 3 -28.32 40.82 -6.42
C LYS C 3 -27.40 39.67 -6.90
N ARG C 4 -26.63 39.95 -7.91
CA ARG C 4 -25.69 39.00 -8.45
C ARG C 4 -24.27 39.60 -8.62
N VAL C 5 -23.32 39.04 -7.89
CA VAL C 5 -21.94 39.50 -7.92
C VAL C 5 -21.02 38.45 -8.44
N ALA C 6 -19.89 38.84 -9.09
CA ALA C 6 -18.87 37.95 -9.56
C ALA C 6 -17.61 37.97 -8.73
N SER C 7 -17.07 36.79 -8.56
CA SER C 7 -15.76 36.59 -7.94
C SER C 7 -14.97 35.62 -8.82
N SER C 8 -13.76 35.97 -9.21
CA SER C 8 -13.04 35.13 -10.13
C SER C 8 -11.55 35.19 -9.87
N VAL C 9 -10.91 34.06 -10.06
CA VAL C 9 -9.47 33.90 -9.90
C VAL C 9 -8.90 33.24 -11.13
N PHE C 10 -7.65 33.58 -11.42
CA PHE C 10 -6.97 32.99 -12.57
C PHE C 10 -5.74 32.33 -12.05
N ILE C 11 -5.41 31.20 -12.64
CA ILE C 11 -4.22 30.41 -12.37
C ILE C 11 -3.42 30.25 -13.67
N THR C 12 -2.12 30.51 -13.59
CA THR C 12 -1.20 30.17 -14.71
C THR C 12 -0.83 28.69 -14.66
N LEU C 13 -1.22 27.92 -15.66
CA LEU C 13 -0.88 26.48 -15.66
C LEU C 13 0.42 26.28 -16.44
N ALA C 14 1.37 25.66 -15.76
CA ALA C 14 2.72 25.39 -16.27
C ALA C 14 2.72 24.15 -17.16
N PRO C 15 3.72 24.01 -18.07
CA PRO C 15 3.87 22.74 -18.80
C PRO C 15 3.99 21.55 -17.83
N PRO C 16 3.29 20.42 -18.09
CA PRO C 16 3.39 19.32 -17.11
C PRO C 16 4.79 18.71 -16.85
N GLU D 2 -22.78 22.07 -27.22
CA GLU D 2 -22.32 23.51 -27.52
C GLU D 2 -20.99 24.05 -26.92
N LYS D 3 -20.11 24.60 -27.74
CA LYS D 3 -18.95 25.29 -27.22
C LYS D 3 -19.40 26.65 -26.58
N ARG D 4 -18.79 26.99 -25.51
CA ARG D 4 -19.04 28.23 -24.87
C ARG D 4 -17.72 28.98 -24.54
N VAL D 5 -17.58 30.17 -25.12
CA VAL D 5 -16.36 30.97 -24.99
C VAL D 5 -16.70 32.30 -24.40
N ALA D 6 -15.78 32.85 -23.59
CA ALA D 6 -15.96 34.15 -22.93
C ALA D 6 -15.03 35.19 -23.56
N SER D 7 -15.59 36.34 -23.74
CA SER D 7 -14.89 37.49 -24.27
C SER D 7 -15.24 38.67 -23.38
N SER D 8 -14.26 39.39 -22.92
CA SER D 8 -14.56 40.43 -21.92
C SER D 8 -13.61 41.59 -22.05
N VAL D 9 -14.16 42.78 -21.79
CA VAL D 9 -13.42 44.00 -21.76
C VAL D 9 -13.71 44.74 -20.49
N PHE D 10 -12.71 45.51 -20.03
CA PHE D 10 -12.86 46.32 -18.85
C PHE D 10 -12.54 47.72 -19.19
N ILE D 11 -13.28 48.65 -18.61
CA ILE D 11 -13.17 50.08 -18.85
C ILE D 11 -12.99 50.74 -17.52
N THR D 12 -11.98 51.58 -17.41
CA THR D 12 -11.78 52.44 -16.21
C THR D 12 -12.67 53.67 -16.30
N LEU D 13 -13.64 53.79 -15.40
CA LEU D 13 -14.55 54.93 -15.43
C LEU D 13 -14.00 56.02 -14.51
N ALA D 14 -13.80 57.18 -15.10
CA ALA D 14 -13.28 58.39 -14.44
C ALA D 14 -14.37 59.08 -13.64
N PRO D 15 -13.99 59.91 -12.66
CA PRO D 15 -15.03 60.67 -11.94
C PRO D 15 -15.83 61.53 -12.93
N PRO D 16 -17.19 61.54 -12.83
CA PRO D 16 -17.98 62.60 -13.43
C PRO D 16 -17.82 63.82 -12.53
N GLY E 10 24.75 -22.13 40.42
CA GLY E 10 25.43 -22.41 39.11
C GLY E 10 26.08 -21.14 38.62
N SER E 11 27.31 -21.24 38.12
CA SER E 11 27.94 -20.13 37.38
C SER E 11 27.60 -20.15 35.83
N HIS E 12 27.04 -21.27 35.32
CA HIS E 12 26.84 -21.42 33.90
C HIS E 12 25.66 -20.58 33.33
N CYS E 13 25.95 -19.72 32.34
CA CYS E 13 24.91 -18.96 31.63
C CYS E 13 24.28 -19.89 30.66
N ASP E 14 23.04 -20.27 30.92
CA ASP E 14 22.35 -21.18 30.08
C ASP E 14 22.14 -20.57 28.72
N LEU E 15 21.91 -19.26 28.70
CA LEU E 15 21.81 -18.51 27.49
C LEU E 15 22.30 -17.11 27.71
N SER E 16 23.13 -16.61 26.78
CA SER E 16 23.53 -15.22 26.80
C SER E 16 23.09 -14.49 25.53
N LEU E 17 22.63 -13.25 25.70
CA LEU E 17 21.94 -12.46 24.62
C LEU E 17 22.46 -11.09 24.64
N LYS E 18 22.97 -10.63 23.49
CA LYS E 18 23.41 -9.28 23.34
C LYS E 18 22.30 -8.53 22.66
N ILE E 19 21.74 -7.56 23.34
CA ILE E 19 20.53 -6.83 22.88
C ILE E 19 20.67 -5.40 23.26
N PRO E 20 20.75 -4.53 22.24
CA PRO E 20 20.92 -3.14 22.53
C PRO E 20 19.60 -2.45 22.91
N GLU E 21 19.75 -1.34 23.62
CA GLU E 21 18.69 -0.35 23.84
C GLU E 21 17.51 -0.86 24.70
N ILE E 22 17.67 -2.01 25.35
CA ILE E 22 16.69 -2.45 26.38
C ILE E 22 17.28 -2.26 27.79
N SER E 23 16.44 -2.50 28.81
CA SER E 23 16.82 -2.34 30.19
C SER E 23 16.25 -3.47 31.00
N ILE E 24 17.10 -4.01 31.86
CA ILE E 24 16.81 -5.19 32.67
C ILE E 24 15.52 -5.13 33.55
N GLN E 25 15.17 -3.95 34.01
CA GLN E 25 13.94 -3.79 34.87
C GLN E 25 12.61 -4.08 34.20
N ASP E 26 12.59 -4.02 32.86
CA ASP E 26 11.43 -4.38 32.12
C ASP E 26 11.59 -5.67 31.38
N MET E 27 12.62 -6.48 31.69
CA MET E 27 12.75 -7.80 31.03
C MET E 27 12.23 -8.92 31.89
N THR E 28 11.66 -9.92 31.24
CA THR E 28 11.23 -11.11 31.95
C THR E 28 11.65 -12.39 31.14
N ALA E 29 12.04 -13.40 31.89
CA ALA E 29 12.51 -14.64 31.37
C ALA E 29 11.84 -15.79 32.08
N GLN E 30 11.05 -16.55 31.33
CA GLN E 30 10.37 -17.69 31.93
C GLN E 30 10.67 -19.00 31.20
N VAL E 31 11.08 -19.97 32.01
CA VAL E 31 11.56 -21.27 31.54
C VAL E 31 10.48 -22.31 31.71
N THR E 32 10.13 -23.05 30.63
CA THR E 32 9.22 -24.14 30.70
C THR E 32 10.00 -25.46 30.59
N SER E 33 9.79 -26.35 31.55
CA SER E 33 10.41 -27.63 31.60
C SER E 33 9.63 -28.66 30.75
N PRO E 34 10.25 -29.82 30.49
CA PRO E 34 9.54 -30.86 29.75
C PRO E 34 8.19 -31.27 30.37
N SER E 35 8.11 -31.34 31.70
CA SER E 35 6.83 -31.62 32.37
C SER E 35 5.75 -30.58 32.15
N GLY E 36 6.09 -29.43 31.54
CA GLY E 36 5.15 -28.31 31.43
C GLY E 36 5.18 -27.33 32.62
N LYS E 37 6.05 -27.54 33.61
CA LYS E 37 6.19 -26.56 34.74
C LYS E 37 6.98 -25.32 34.33
N THR E 38 6.50 -24.13 34.70
CA THR E 38 7.20 -22.89 34.36
C THR E 38 7.80 -22.18 35.56
N HIS E 39 9.01 -21.67 35.36
CA HIS E 39 9.81 -21.08 36.41
C HIS E 39 10.45 -19.83 35.94
N GLU E 40 10.64 -18.92 36.88
CA GLU E 40 11.27 -17.64 36.52
C GLU E 40 12.75 -17.90 36.38
N ALA E 41 13.41 -17.38 35.36
CA ALA E 41 14.88 -17.51 35.29
C ALA E 41 15.50 -16.30 35.92
N GLU E 42 16.78 -16.43 36.29
CA GLU E 42 17.59 -15.26 36.64
C GLU E 42 18.10 -14.54 35.39
N ILE E 43 18.02 -13.22 35.34
CA ILE E 43 18.62 -12.44 34.29
C ILE E 43 19.56 -11.47 34.89
N VAL E 44 20.81 -11.45 34.39
CA VAL E 44 21.74 -10.38 34.78
C VAL E 44 22.30 -9.72 33.52
N GLU E 45 22.64 -8.45 33.61
CA GLU E 45 23.27 -7.69 32.59
C GLU E 45 24.79 -7.64 32.82
N GLY E 46 25.54 -8.19 31.86
CA GLY E 46 27.00 -8.13 31.81
C GLY E 46 27.49 -6.90 31.06
N GLU E 47 28.74 -6.94 30.61
CA GLU E 47 29.35 -5.88 29.81
C GLU E 47 28.81 -5.93 28.37
N ASN E 48 28.75 -4.77 27.72
CA ASN E 48 28.34 -4.58 26.35
C ASN E 48 26.87 -5.08 26.05
N HIS E 49 25.88 -4.61 26.84
CA HIS E 49 24.46 -5.06 26.80
C HIS E 49 24.25 -6.54 26.49
N THR E 50 25.01 -7.36 27.20
CA THR E 50 24.99 -8.79 27.13
C THR E 50 24.28 -9.31 28.43
N TYR E 51 23.14 -9.93 28.25
CA TYR E 51 22.38 -10.48 29.32
C TYR E 51 22.62 -11.94 29.50
N CYS E 52 22.83 -12.37 30.76
CA CYS E 52 23.05 -13.76 31.07
C CYS E 52 21.73 -14.31 31.69
N ILE E 53 21.24 -15.40 31.21
CA ILE E 53 20.05 -16.06 31.71
C ILE E 53 20.43 -17.38 32.32
N ARG E 54 20.07 -17.54 33.59
CA ARG E 54 20.33 -18.77 34.27
C ARG E 54 19.06 -19.40 34.86
N PHE E 55 19.17 -20.72 34.97
CA PHE E 55 18.12 -21.56 35.44
C PHE E 55 18.72 -22.78 36.12
N VAL E 56 18.23 -23.14 37.29
CA VAL E 56 18.66 -24.38 37.94
C VAL E 56 17.57 -25.38 37.63
N PRO E 57 17.88 -26.43 36.88
CA PRO E 57 16.84 -27.36 36.51
C PRO E 57 16.52 -28.44 37.52
N ALA E 58 15.25 -28.83 37.62
CA ALA E 58 14.81 -30.02 38.32
C ALA E 58 14.62 -31.24 37.41
N GLU E 59 14.63 -31.01 36.10
CA GLU E 59 14.26 -32.04 35.13
C GLU E 59 15.30 -31.99 34.03
N MET E 60 15.62 -33.12 33.43
CA MET E 60 16.53 -33.14 32.30
C MET E 60 15.71 -32.97 31.02
N GLY E 61 16.40 -32.55 29.97
CA GLY E 61 15.82 -32.36 28.61
C GLY E 61 15.86 -30.92 28.18
N THR E 62 15.29 -30.66 27.04
CA THR E 62 15.28 -29.34 26.40
C THR E 62 14.22 -28.46 27.08
N HIS E 63 14.68 -27.33 27.61
CA HIS E 63 13.85 -26.34 28.22
C HIS E 63 13.61 -25.21 27.28
N THR E 64 12.41 -24.60 27.37
CA THR E 64 12.09 -23.44 26.51
C THR E 64 12.11 -22.15 27.35
N VAL E 65 12.74 -21.07 26.85
CA VAL E 65 12.77 -19.76 27.59
C VAL E 65 12.21 -18.68 26.72
N SER E 66 11.10 -18.07 27.17
CA SER E 66 10.58 -16.82 26.60
C SER E 66 11.28 -15.66 27.25
N VAL E 67 11.89 -14.80 26.43
CA VAL E 67 12.55 -13.60 26.87
C VAL E 67 11.85 -12.39 26.28
N LYS E 68 11.33 -11.52 27.17
CA LYS E 68 10.47 -10.43 26.78
C LYS E 68 10.95 -9.15 27.40
N TYR E 69 10.85 -8.06 26.63
CA TYR E 69 11.08 -6.73 27.07
C TYR E 69 9.77 -5.98 26.90
N LYS E 70 9.31 -5.38 27.99
CA LYS E 70 8.02 -4.73 28.05
C LYS E 70 6.91 -5.57 27.47
N GLY E 71 6.91 -6.84 27.83
CA GLY E 71 5.88 -7.75 27.39
C GLY E 71 6.03 -8.31 25.98
N GLN E 72 7.08 -7.92 25.24
CA GLN E 72 7.21 -8.39 23.84
C GLN E 72 8.45 -9.25 23.67
N HIS E 73 8.33 -10.37 22.99
CA HIS E 73 9.44 -11.23 22.81
C HIS E 73 10.59 -10.43 22.24
N VAL E 74 11.75 -10.67 22.78
CA VAL E 74 12.94 -10.16 22.14
C VAL E 74 13.28 -10.98 20.86
N PRO E 75 14.19 -10.44 20.00
CA PRO E 75 14.57 -11.17 18.78
C PRO E 75 15.22 -12.47 19.11
N GLY E 76 14.65 -13.55 18.56
CA GLY E 76 15.06 -14.90 18.91
C GLY E 76 14.18 -15.69 19.86
N SER E 77 13.32 -15.04 20.61
CA SER E 77 12.45 -15.69 21.60
C SER E 77 11.20 -16.28 20.97
N PRO E 78 10.73 -17.45 21.42
CA PRO E 78 11.38 -18.33 22.40
C PRO E 78 12.65 -19.06 22.03
N PHE E 79 13.58 -19.14 22.99
CA PHE E 79 14.79 -19.87 22.86
C PHE E 79 14.59 -21.21 23.46
N GLN E 80 15.42 -22.16 23.08
CA GLN E 80 15.54 -23.39 23.87
C GLN E 80 17.01 -23.67 24.20
N PHE E 81 17.23 -24.51 25.20
CA PHE E 81 18.53 -25.00 25.52
C PHE E 81 18.40 -26.33 26.21
N THR E 82 19.49 -27.11 26.24
CA THR E 82 19.46 -28.45 26.85
C THR E 82 20.25 -28.35 28.12
N VAL E 83 19.88 -29.13 29.14
CA VAL E 83 20.55 -29.09 30.44
C VAL E 83 21.38 -30.34 30.67
N GLY E 84 22.39 -30.22 31.52
CA GLY E 84 23.25 -31.37 31.87
C GLY E 84 24.59 -31.31 31.17
N PRO E 85 25.58 -32.09 31.60
CA PRO E 85 25.45 -33.04 32.68
C PRO E 85 25.56 -32.42 34.07
N LEU E 86 25.27 -33.26 35.07
CA LEU E 86 25.20 -32.83 36.47
C LEU E 86 26.50 -32.99 37.26
N GLY E 87 27.51 -33.64 36.70
CA GLY E 87 28.73 -33.89 37.46
C GLY E 87 28.61 -35.06 38.43
N GLU E 88 27.57 -35.88 38.28
CA GLU E 88 27.41 -37.09 39.07
C GLU E 88 27.95 -38.35 38.39
N GLY E 89 28.55 -38.23 37.19
CA GLY E 89 29.11 -39.36 36.40
C GLY E 89 28.19 -40.44 35.86
N GLY E 90 26.96 -40.07 35.57
CA GLY E 90 25.96 -41.07 35.16
C GLY E 90 26.27 -41.64 33.75
N ALA E 91 26.59 -40.76 32.83
CA ALA E 91 26.78 -41.16 31.43
C ALA E 91 27.79 -42.30 31.23
N HIS E 92 28.91 -42.26 31.95
CA HIS E 92 29.92 -43.26 31.80
C HIS E 92 29.47 -44.64 32.31
N LYS E 93 28.32 -44.72 33.02
CA LYS E 93 27.75 -46.01 33.45
C LYS E 93 26.72 -46.64 32.45
N VAL E 94 26.34 -45.90 31.40
CA VAL E 94 25.47 -46.39 30.35
C VAL E 94 26.28 -47.15 29.30
N ARG E 95 25.71 -48.21 28.75
CA ARG E 95 26.33 -48.91 27.59
C ARG E 95 25.24 -49.12 26.54
N ALA E 96 25.65 -49.10 25.29
CA ALA E 96 24.80 -49.34 24.17
C ALA E 96 25.48 -50.28 23.22
N GLY E 97 24.68 -51.07 22.54
CA GLY E 97 25.24 -51.97 21.50
C GLY E 97 24.20 -52.59 20.65
N GLY E 98 24.59 -52.97 19.42
CA GLY E 98 23.71 -53.82 18.63
C GLY E 98 23.94 -53.54 17.18
N PRO E 99 23.27 -54.30 16.31
CA PRO E 99 23.49 -54.13 14.84
C PRO E 99 23.24 -52.73 14.31
N GLY E 100 22.20 -52.06 14.78
CA GLY E 100 21.95 -50.69 14.40
C GLY E 100 23.02 -49.66 14.72
N LEU E 101 24.00 -50.01 15.58
CA LEU E 101 25.16 -49.15 15.78
C LEU E 101 26.37 -49.66 15.02
N GLU E 102 26.19 -50.66 14.14
CA GLU E 102 27.34 -51.18 13.32
C GLU E 102 27.08 -51.00 11.81
N ARG E 103 25.92 -51.43 11.31
CA ARG E 103 25.55 -51.29 9.90
C ARG E 103 24.02 -51.24 9.84
N ALA E 104 23.48 -50.63 8.79
CA ALA E 104 22.02 -50.67 8.55
C ALA E 104 21.65 -50.64 7.08
N GLU E 105 20.36 -50.78 6.78
CA GLU E 105 19.82 -50.70 5.44
C GLU E 105 18.73 -49.67 5.37
N ALA E 106 18.75 -48.84 4.37
CA ALA E 106 17.73 -47.84 4.16
C ALA E 106 16.34 -48.54 4.20
N GLY E 107 15.41 -47.98 4.96
CA GLY E 107 14.05 -48.42 5.01
C GLY E 107 13.81 -49.51 6.03
N VAL E 108 14.87 -50.01 6.68
CA VAL E 108 14.78 -51.21 7.51
C VAL E 108 15.17 -50.86 8.96
N PRO E 109 14.27 -51.16 9.94
CA PRO E 109 14.58 -50.82 11.31
C PRO E 109 15.99 -51.28 11.76
N ALA E 110 16.80 -50.34 12.21
CA ALA E 110 18.16 -50.65 12.66
C ALA E 110 18.03 -50.66 14.19
N GLU E 111 18.38 -51.76 14.83
CA GLU E 111 18.01 -51.97 16.23
C GLU E 111 19.21 -52.03 17.16
N PHE E 112 19.09 -51.43 18.35
CA PHE E 112 20.14 -51.58 19.38
C PHE E 112 19.54 -51.49 20.73
N SER E 113 20.32 -51.89 21.71
CA SER E 113 19.90 -51.78 23.15
C SER E 113 20.77 -50.84 23.90
N ILE E 114 20.20 -50.33 24.98
CA ILE E 114 20.88 -49.40 25.86
C ILE E 114 20.65 -49.91 27.27
N TRP E 115 21.72 -50.08 28.02
CA TRP E 115 21.64 -50.43 29.44
C TRP E 115 21.78 -49.13 30.24
N THR E 116 20.76 -48.77 31.01
CA THR E 116 20.67 -47.50 31.75
C THR E 116 20.46 -47.65 33.26
N ARG E 117 20.29 -48.88 33.77
CA ARG E 117 19.96 -49.13 35.16
C ARG E 117 21.06 -48.57 36.15
N GLU E 118 22.34 -48.68 35.79
CA GLU E 118 23.40 -48.20 36.63
C GLU E 118 23.50 -46.68 36.70
N ALA E 119 23.04 -45.98 35.68
CA ALA E 119 23.05 -44.52 35.65
C ALA E 119 21.89 -43.94 36.43
N GLY E 120 20.78 -44.68 36.45
CA GLY E 120 19.62 -44.28 37.27
C GLY E 120 18.85 -43.21 36.54
N ALA E 121 18.19 -42.34 37.29
CA ALA E 121 17.28 -41.37 36.72
C ALA E 121 18.07 -40.34 35.94
N GLY E 122 17.45 -39.82 34.89
CA GLY E 122 18.07 -38.78 34.07
C GLY E 122 17.38 -38.68 32.74
N GLY E 123 18.06 -38.10 31.77
CA GLY E 123 17.58 -37.88 30.38
C GLY E 123 18.43 -38.59 29.35
N LEU E 124 17.77 -39.41 28.53
CA LEU E 124 18.44 -40.12 27.47
C LEU E 124 18.10 -39.48 26.16
N ALA E 125 19.11 -39.10 25.39
CA ALA E 125 18.92 -38.60 24.07
C ALA E 125 19.54 -39.48 23.00
N ILE E 126 18.79 -39.70 21.93
CA ILE E 126 19.22 -40.48 20.82
C ILE E 126 19.10 -39.59 19.64
N ALA E 127 20.22 -39.32 18.98
CA ALA E 127 20.16 -38.53 17.76
C ALA E 127 20.75 -39.30 16.60
N VAL E 128 20.31 -38.95 15.41
CA VAL E 128 20.74 -39.58 14.17
C VAL E 128 20.94 -38.49 13.17
N GLU E 129 22.17 -38.39 12.71
CA GLU E 129 22.54 -37.40 11.73
C GLU E 129 23.07 -37.97 10.44
N GLY E 130 22.63 -37.40 9.36
CA GLY E 130 23.05 -37.95 8.03
C GLY E 130 22.19 -37.47 6.90
N PRO E 131 22.21 -38.20 5.77
CA PRO E 131 21.56 -37.60 4.55
C PRO E 131 20.02 -37.62 4.54
N SER E 132 19.39 -38.16 5.56
CA SER E 132 17.91 -38.18 5.61
C SER E 132 17.45 -38.21 7.04
N LYS E 133 16.18 -37.86 7.25
CA LYS E 133 15.50 -37.86 8.55
C LYS E 133 15.25 -39.27 9.10
N ALA E 134 15.56 -39.50 10.36
CA ALA E 134 15.30 -40.79 10.99
C ALA E 134 13.93 -40.80 11.68
N GLU E 135 13.21 -41.89 11.59
CA GLU E 135 12.10 -42.20 12.53
C GLU E 135 12.65 -43.11 13.61
N ILE E 136 12.47 -42.71 14.86
CA ILE E 136 13.12 -43.36 16.01
C ILE E 136 12.03 -43.97 16.87
N SER E 137 12.22 -45.25 17.22
CA SER E 137 11.30 -45.97 18.13
C SER E 137 12.01 -46.36 19.45
N PHE E 138 11.27 -46.30 20.55
CA PHE E 138 11.76 -46.59 21.90
C PHE E 138 10.89 -47.65 22.54
N GLU E 139 11.58 -48.62 23.11
CA GLU E 139 10.94 -49.68 23.86
C GLU E 139 11.49 -49.73 25.28
N ASP E 140 10.62 -49.52 26.24
CA ASP E 140 10.97 -49.73 27.64
C ASP E 140 10.85 -51.17 27.96
N ARG E 141 11.84 -51.70 28.65
CA ARG E 141 11.76 -53.06 29.10
C ARG E 141 11.84 -53.03 30.61
N LYS E 142 11.25 -54.00 31.26
CA LYS E 142 11.29 -54.01 32.72
C LYS E 142 12.60 -54.62 33.28
N ASP E 143 13.55 -54.91 32.39
CA ASP E 143 14.74 -55.68 32.72
C ASP E 143 15.97 -54.81 32.85
N GLY E 144 15.77 -53.50 32.94
CA GLY E 144 16.87 -52.52 33.07
C GLY E 144 17.47 -52.00 31.76
N SER E 145 16.99 -52.52 30.61
CA SER E 145 17.43 -52.16 29.27
C SER E 145 16.32 -51.39 28.53
N CYS E 146 16.71 -50.66 27.49
CA CYS E 146 15.81 -49.93 26.57
C CYS E 146 16.13 -50.51 25.18
N GLY E 147 15.15 -50.75 24.33
CA GLY E 147 15.38 -51.05 22.90
C GLY E 147 15.17 -49.76 22.11
N VAL E 148 16.06 -49.48 21.16
CA VAL E 148 15.88 -48.38 20.25
C VAL E 148 15.93 -48.94 18.85
N ALA E 149 15.14 -48.36 17.96
CA ALA E 149 15.25 -48.65 16.52
C ALA E 149 15.04 -47.36 15.78
N TYR E 150 15.71 -47.26 14.61
CA TYR E 150 15.53 -46.12 13.75
C TYR E 150 15.46 -46.60 12.31
N VAL E 151 14.78 -45.81 11.51
CA VAL E 151 14.64 -46.09 10.09
C VAL E 151 15.02 -44.83 9.34
N VAL E 152 16.01 -44.91 8.46
CA VAL E 152 16.37 -43.76 7.59
C VAL E 152 16.15 -44.18 6.13
N GLN E 153 15.82 -43.21 5.30
CA GLN E 153 15.32 -43.51 3.95
C GLN E 153 16.45 -43.57 2.94
N GLU E 154 17.53 -42.85 3.20
CA GLU E 154 18.63 -42.76 2.23
C GLU E 154 19.84 -43.52 2.67
N PRO E 155 20.51 -44.21 1.72
CA PRO E 155 21.83 -44.76 2.04
C PRO E 155 22.91 -43.66 2.20
N GLY E 156 23.97 -44.00 2.95
CA GLY E 156 25.01 -43.03 3.31
C GLY E 156 25.61 -43.36 4.66
N ASP E 157 26.46 -42.47 5.20
CA ASP E 157 27.07 -42.67 6.52
C ASP E 157 26.40 -41.78 7.53
N TYR E 158 25.90 -42.39 8.59
CA TYR E 158 25.09 -41.71 9.60
C TYR E 158 25.87 -41.74 10.88
N GLU E 159 25.59 -40.77 11.73
CA GLU E 159 26.15 -40.69 13.05
C GLU E 159 25.05 -40.86 14.03
N VAL E 160 25.19 -41.87 14.88
CA VAL E 160 24.19 -42.12 15.94
C VAL E 160 24.81 -41.73 17.25
N SER E 161 24.19 -40.79 17.93
CA SER E 161 24.60 -40.29 19.23
C SER E 161 23.74 -40.80 20.34
N VAL E 162 24.36 -41.25 21.43
CA VAL E 162 23.60 -41.67 22.60
C VAL E 162 24.18 -40.92 23.83
N LYS E 163 23.37 -40.06 24.43
CA LYS E 163 23.75 -39.18 25.51
C LYS E 163 22.88 -39.36 26.69
N PHE E 164 23.47 -39.25 27.91
CA PHE E 164 22.80 -39.27 29.19
C PHE E 164 23.13 -37.93 29.87
N ASN E 165 22.09 -37.14 30.06
CA ASN E 165 22.23 -35.77 30.53
C ASN E 165 23.17 -34.96 29.69
N GLU E 166 23.04 -35.17 28.38
CA GLU E 166 23.87 -34.46 27.40
C GLU E 166 25.31 -34.76 27.35
N GLU E 167 25.71 -35.86 27.95
CA GLU E 167 27.08 -36.36 27.84
C GLU E 167 27.03 -37.65 27.06
N HIS E 168 27.88 -37.75 26.05
CA HIS E 168 27.94 -39.03 25.25
C HIS E 168 28.36 -40.19 26.13
N ILE E 169 27.70 -41.33 25.96
CA ILE E 169 28.07 -42.52 26.70
C ILE E 169 29.31 -43.06 26.05
N PRO E 170 29.97 -44.04 26.71
CA PRO E 170 31.07 -44.75 26.04
C PRO E 170 30.82 -45.23 24.62
N ASP E 171 31.77 -44.93 23.73
CA ASP E 171 31.71 -45.23 22.29
C ASP E 171 30.71 -44.41 21.44
N SER E 172 30.00 -43.46 22.04
CA SER E 172 29.10 -42.56 21.25
C SER E 172 29.96 -41.34 20.90
N PRO E 173 29.89 -40.80 19.69
CA PRO E 173 28.94 -41.19 18.64
C PRO E 173 29.36 -42.39 17.86
N PHE E 174 28.39 -43.12 17.40
CA PHE E 174 28.72 -44.26 16.54
C PHE E 174 28.57 -43.88 15.04
N VAL E 175 29.51 -44.30 14.19
CA VAL E 175 29.41 -44.07 12.73
C VAL E 175 28.84 -45.31 12.03
N VAL E 176 27.69 -45.18 11.35
CA VAL E 176 27.00 -46.31 10.87
C VAL E 176 26.82 -46.19 9.32
N PRO E 177 27.43 -47.11 8.56
CA PRO E 177 27.12 -47.11 7.15
C PRO E 177 25.75 -47.72 6.87
N VAL E 178 24.96 -47.05 6.04
CA VAL E 178 23.62 -47.51 5.71
C VAL E 178 23.58 -47.80 4.21
N ALA E 179 23.29 -49.06 3.85
CA ALA E 179 23.22 -49.47 2.45
C ALA E 179 21.80 -49.51 1.94
N SER E 180 21.64 -49.56 0.61
CA SER E 180 20.35 -49.82 0.00
C SER E 180 19.92 -51.28 0.30
N PRO E 181 18.59 -51.54 0.41
CA PRO E 181 18.04 -52.89 0.59
C PRO E 181 17.72 -53.56 -0.79
N HIS F 12 5.31 -40.74 8.77
CA HIS F 12 5.46 -39.30 9.20
C HIS F 12 5.61 -39.18 10.75
N CYS F 13 6.35 -40.09 11.38
CA CYS F 13 6.10 -40.35 12.81
C CYS F 13 6.74 -39.43 13.85
N LEU F 15 7.26 -39.87 16.89
CA LEU F 15 7.75 -40.79 17.88
C LEU F 15 6.98 -42.10 17.83
N SER F 16 7.71 -43.23 17.86
CA SER F 16 7.11 -44.55 17.99
C SER F 16 7.51 -45.18 19.30
N LEU F 17 6.55 -45.82 19.91
CA LEU F 17 6.73 -46.47 21.21
C LEU F 17 6.23 -47.87 21.14
N LYS F 18 7.02 -48.78 21.70
CA LYS F 18 6.58 -50.15 21.85
C LYS F 18 6.20 -50.40 23.29
N ILE F 19 4.92 -50.64 23.59
CA ILE F 19 4.46 -50.97 24.93
C ILE F 19 3.68 -52.28 24.90
N MET F 27 -4.89 -44.66 26.38
CA MET F 27 -3.70 -43.77 26.18
C MET F 27 -4.07 -42.32 25.84
N THR F 28 -3.31 -41.36 26.38
CA THR F 28 -3.37 -39.96 25.91
C THR F 28 -1.95 -39.50 25.51
N ALA F 29 -1.84 -38.75 24.40
CA ALA F 29 -0.61 -38.07 24.01
C ALA F 29 -0.87 -36.59 23.77
N GLN F 30 -0.32 -35.76 24.62
CA GLN F 30 -0.48 -34.33 24.45
C GLN F 30 0.95 -33.72 24.10
N VAL F 31 1.00 -32.96 22.99
CA VAL F 31 2.19 -32.33 22.48
C VAL F 31 2.17 -30.86 22.87
N THR F 32 3.31 -30.39 23.41
CA THR F 32 3.50 -28.99 23.73
C THR F 32 4.59 -28.42 22.83
N SER F 33 4.23 -27.37 22.09
CA SER F 33 5.13 -26.67 21.18
C SER F 33 6.00 -25.67 21.94
N PRO F 34 7.06 -25.18 21.28
CA PRO F 34 7.90 -24.19 21.95
C PRO F 34 7.16 -22.95 22.41
N SER F 35 6.19 -22.49 21.62
CA SER F 35 5.31 -21.38 22.05
C SER F 35 4.45 -21.65 23.27
N GLY F 36 4.41 -22.88 23.77
CA GLY F 36 3.58 -23.26 24.91
C GLY F 36 2.21 -23.77 24.53
N LYS F 37 1.85 -23.75 23.25
CA LYS F 37 0.52 -24.20 22.84
C LYS F 37 0.49 -25.74 22.90
N THR F 38 -0.61 -26.28 23.37
CA THR F 38 -0.78 -27.73 23.43
C THR F 38 -1.76 -28.24 22.38
N HIS F 39 -1.56 -29.48 21.94
CA HIS F 39 -2.49 -30.12 21.01
C HIS F 39 -2.58 -31.62 21.28
N GLU F 40 -3.76 -32.19 21.03
CA GLU F 40 -3.94 -33.65 21.12
C GLU F 40 -3.25 -34.33 19.93
N ALA F 41 -2.38 -35.32 20.17
CA ALA F 41 -1.81 -36.09 19.04
C ALA F 41 -2.59 -37.40 18.78
N GLU F 42 -2.45 -37.92 17.54
CA GLU F 42 -3.02 -39.23 17.09
C GLU F 42 -2.04 -40.27 17.61
N ILE F 43 -2.51 -41.30 18.29
CA ILE F 43 -1.69 -42.46 18.65
C ILE F 43 -1.66 -43.54 17.55
N HIS F 49 2.38 -54.27 18.59
CA HIS F 49 2.36 -53.51 19.84
C HIS F 49 3.25 -52.22 19.79
N THR F 50 3.30 -51.59 18.61
CA THR F 50 4.15 -50.42 18.31
C THR F 50 3.35 -49.21 17.82
N TYR F 51 3.33 -48.14 18.64
CA TYR F 51 2.42 -47.03 18.44
C TYR F 51 3.13 -45.83 17.87
N CYS F 52 2.56 -45.26 16.81
CA CYS F 52 3.10 -44.13 16.09
C CYS F 52 2.36 -42.89 16.61
N ILE F 53 3.10 -41.93 17.12
CA ILE F 53 2.52 -40.67 17.60
C ILE F 53 2.66 -39.72 16.41
N ARG F 54 1.53 -39.24 15.91
CA ARG F 54 1.43 -38.39 14.70
C ARG F 54 1.06 -36.99 15.14
N PHE F 55 1.90 -36.03 14.76
CA PHE F 55 1.74 -34.61 15.08
C PHE F 55 2.22 -33.78 13.88
N VAL F 56 1.36 -32.91 13.36
CA VAL F 56 1.75 -31.99 12.30
C VAL F 56 2.17 -30.68 12.98
N PRO F 57 3.46 -30.28 12.90
CA PRO F 57 3.88 -29.07 13.62
C PRO F 57 3.59 -27.78 12.89
N ALA F 58 3.23 -26.74 13.64
CA ALA F 58 3.15 -25.38 13.13
C ALA F 58 4.41 -24.56 13.42
N GLU F 59 5.29 -25.09 14.29
CA GLU F 59 6.43 -24.37 14.84
C GLU F 59 7.65 -25.23 14.74
N MET F 60 8.82 -24.60 14.62
CA MET F 60 10.09 -25.32 14.63
C MET F 60 10.57 -25.41 16.06
N GLY F 61 11.41 -26.40 16.30
CA GLY F 61 12.02 -26.60 17.62
C GLY F 61 11.52 -27.86 18.29
N THR F 62 12.00 -28.07 19.53
CA THR F 62 11.78 -29.29 20.24
C THR F 62 10.41 -29.22 20.88
N HIS F 63 9.60 -30.24 20.60
CA HIS F 63 8.30 -30.42 21.15
C HIS F 63 8.42 -31.45 22.18
N THR F 64 7.53 -31.39 23.14
CA THR F 64 7.49 -32.37 24.20
C THR F 64 6.17 -33.15 24.05
N VAL F 65 6.25 -34.47 24.25
CA VAL F 65 5.04 -35.29 24.32
C VAL F 65 4.94 -36.06 25.61
N SER F 66 3.87 -35.81 26.33
CA SER F 66 3.51 -36.60 27.50
C SER F 66 2.64 -37.69 27.01
N VAL F 67 2.98 -38.91 27.38
CA VAL F 67 2.20 -40.08 27.00
C VAL F 67 1.76 -40.78 28.28
N LYS F 68 0.43 -40.87 28.48
CA LYS F 68 -0.13 -41.36 29.73
C LYS F 68 -1.08 -42.52 29.47
N TYR F 69 -1.00 -43.58 30.29
CA TYR F 69 -1.88 -44.82 30.08
C TYR F 69 -3.25 -44.81 30.77
N LYS F 70 -3.32 -44.44 32.03
CA LYS F 70 -4.63 -44.22 32.68
C LYS F 70 -4.39 -43.01 33.56
N GLY F 71 -4.00 -41.90 32.92
CA GLY F 71 -3.58 -40.70 33.64
C GLY F 71 -2.19 -40.70 34.26
N GLN F 72 -1.41 -41.81 34.15
CA GLN F 72 0.01 -41.82 34.63
C GLN F 72 1.02 -41.95 33.45
N HIS F 73 2.14 -41.23 33.53
CA HIS F 73 3.17 -41.23 32.48
C HIS F 73 3.57 -42.68 32.17
N VAL F 74 3.58 -43.07 30.90
CA VAL F 74 4.15 -44.38 30.55
C VAL F 74 5.67 -44.29 30.84
N PRO F 75 6.37 -45.43 30.95
CA PRO F 75 7.83 -45.42 31.09
C PRO F 75 8.49 -44.63 29.96
N GLY F 76 9.32 -43.62 30.32
CA GLY F 76 9.90 -42.74 29.38
C GLY F 76 9.30 -41.35 29.21
N SER F 77 8.05 -41.18 29.56
CA SER F 77 7.31 -39.93 29.36
C SER F 77 7.73 -38.98 30.48
N PRO F 78 7.98 -37.70 30.19
CA PRO F 78 7.81 -37.04 28.88
C PRO F 78 8.93 -37.23 27.88
N PHE F 79 8.52 -37.46 26.64
CA PHE F 79 9.47 -37.65 25.56
C PHE F 79 9.58 -36.31 24.87
N GLN F 80 10.72 -36.09 24.16
CA GLN F 80 10.80 -34.98 23.26
C GLN F 80 11.29 -35.42 21.87
N PHE F 81 10.98 -34.59 20.89
CA PHE F 81 11.48 -34.76 19.58
C PHE F 81 11.61 -33.41 18.93
N THR F 82 12.51 -33.33 17.97
CA THR F 82 12.72 -32.09 17.23
C THR F 82 12.05 -32.24 15.88
N VAL F 83 11.60 -31.15 15.32
CA VAL F 83 10.93 -31.16 14.05
C VAL F 83 11.79 -30.46 13.01
N GLY F 84 11.54 -30.79 11.76
CA GLY F 84 12.06 -30.00 10.67
C GLY F 84 13.01 -30.85 9.90
N PRO F 85 13.31 -30.43 8.68
CA PRO F 85 12.77 -29.26 8.02
C PRO F 85 11.33 -29.37 7.48
N LEU F 86 10.77 -28.23 7.12
CA LEU F 86 9.34 -28.09 6.83
C LEU F 86 9.03 -28.09 5.31
N GLY F 87 9.68 -29.02 4.59
CA GLY F 87 9.81 -28.98 3.14
C GLY F 87 11.21 -28.47 2.82
N GLU F 88 11.38 -27.74 1.72
CA GLU F 88 12.73 -27.39 1.23
C GLU F 88 13.42 -26.39 2.17
N GLY F 89 14.29 -26.92 3.03
CA GLY F 89 14.89 -26.12 4.14
C GLY F 89 15.71 -24.99 3.60
N GLY F 90 15.52 -23.77 4.12
CA GLY F 90 16.38 -22.63 3.79
C GLY F 90 17.79 -22.79 4.31
N ALA F 91 18.10 -23.91 4.97
CA ALA F 91 19.44 -24.14 5.51
C ALA F 91 20.58 -23.92 4.51
N HIS F 92 20.42 -24.36 3.28
CA HIS F 92 21.43 -24.16 2.25
C HIS F 92 21.61 -22.68 1.83
N LYS F 93 20.68 -21.80 2.20
CA LYS F 93 20.84 -20.34 1.99
C LYS F 93 21.57 -19.57 3.16
N VAL F 94 21.85 -20.25 4.28
CA VAL F 94 22.54 -19.69 5.44
C VAL F 94 24.06 -19.84 5.20
N ARG F 95 24.84 -18.84 5.54
CA ARG F 95 26.30 -18.94 5.51
C ARG F 95 26.84 -18.51 6.87
N ALA F 96 27.91 -19.16 7.33
CA ALA F 96 28.58 -18.77 8.59
C ALA F 96 30.04 -18.63 8.35
N GLY F 97 30.73 -17.88 9.17
CA GLY F 97 32.19 -17.79 9.16
C GLY F 97 32.69 -17.04 10.38
N GLY F 98 33.94 -17.26 10.79
CA GLY F 98 34.65 -16.37 11.78
C GLY F 98 35.59 -17.19 12.60
N PRO F 99 36.40 -16.54 13.42
CA PRO F 99 37.49 -17.25 14.13
C PRO F 99 37.03 -18.38 14.98
N GLY F 100 35.85 -18.25 15.58
CA GLY F 100 35.28 -19.33 16.35
C GLY F 100 34.98 -20.61 15.62
N LEU F 101 34.94 -20.59 14.28
CA LEU F 101 34.79 -21.80 13.51
C LEU F 101 36.11 -22.33 12.99
N GLU F 102 37.23 -21.73 13.40
CA GLU F 102 38.53 -22.04 12.90
C GLU F 102 39.36 -22.55 14.06
N ARG F 103 39.52 -21.73 15.10
CA ARG F 103 40.39 -22.01 16.25
C ARG F 103 39.91 -21.20 17.43
N ALA F 104 40.15 -21.71 18.62
CA ALA F 104 39.76 -20.98 19.83
C ALA F 104 40.70 -21.30 20.98
N GLU F 105 40.50 -20.60 22.07
CA GLU F 105 41.31 -20.74 23.25
C GLU F 105 40.42 -21.00 24.42
N ALA F 106 40.78 -21.94 25.28
CA ALA F 106 40.00 -22.22 26.47
C ALA F 106 39.86 -20.92 27.30
N GLY F 107 38.63 -20.65 27.71
CA GLY F 107 38.32 -19.48 28.52
C GLY F 107 38.06 -18.22 27.73
N VAL F 108 38.25 -18.24 26.42
CA VAL F 108 38.16 -17.06 25.60
C VAL F 108 36.96 -17.18 24.65
N PRO F 109 36.01 -16.20 24.66
CA PRO F 109 34.92 -16.17 23.63
C PRO F 109 35.39 -16.42 22.19
N ALA F 110 34.85 -17.45 21.59
CA ALA F 110 35.14 -17.81 20.22
C ALA F 110 33.96 -17.31 19.40
N GLU F 111 34.23 -16.38 18.50
CA GLU F 111 33.17 -15.60 17.90
C GLU F 111 33.04 -15.97 16.45
N PHE F 112 31.79 -16.01 16.00
CA PHE F 112 31.53 -16.10 14.54
C PHE F 112 30.28 -15.38 14.17
N SER F 113 30.06 -15.21 12.87
CA SER F 113 28.81 -14.60 12.39
C SER F 113 28.05 -15.59 11.47
N ILE F 114 26.75 -15.39 11.42
CA ILE F 114 25.87 -16.22 10.62
C ILE F 114 25.06 -15.30 9.75
N TRP F 115 25.00 -15.56 8.45
CA TRP F 115 24.12 -14.78 7.56
C TRP F 115 22.84 -15.55 7.33
N THR F 116 21.70 -15.03 7.81
CA THR F 116 20.43 -15.74 7.83
C THR F 116 19.30 -15.07 7.09
N ARG F 117 19.50 -13.83 6.59
CA ARG F 117 18.46 -13.04 5.89
C ARG F 117 17.76 -13.85 4.78
N GLU F 118 18.58 -14.59 4.04
CA GLU F 118 18.14 -15.35 2.84
C GLU F 118 17.21 -16.54 3.19
N ALA F 119 17.47 -17.18 4.32
CA ALA F 119 16.66 -18.34 4.78
C ALA F 119 15.28 -17.93 5.35
N GLY F 120 15.18 -16.70 5.88
CA GLY F 120 13.90 -16.21 6.41
C GLY F 120 13.55 -16.79 7.79
N ALA F 121 12.26 -16.95 8.07
CA ALA F 121 11.77 -17.45 9.36
C ALA F 121 12.07 -18.94 9.56
N GLY F 122 12.37 -19.31 10.81
CA GLY F 122 12.66 -20.70 11.17
C GLY F 122 13.32 -20.87 12.49
N GLY F 123 13.91 -22.06 12.68
CA GLY F 123 14.60 -22.42 13.87
C GLY F 123 16.10 -22.55 13.65
N LEU F 124 16.88 -21.64 14.23
CA LEU F 124 18.35 -21.74 14.28
C LEU F 124 18.82 -22.46 15.51
N ALA F 125 19.59 -23.54 15.32
CA ALA F 125 20.24 -24.20 16.41
C ALA F 125 21.74 -24.12 16.35
N ILE F 126 22.36 -23.83 17.49
CA ILE F 126 23.86 -23.89 17.61
C ILE F 126 24.21 -24.87 18.59
N ALA F 127 25.07 -25.84 18.25
CA ALA F 127 25.51 -26.86 19.21
C ALA F 127 26.98 -26.93 19.26
N VAL F 128 27.50 -27.26 20.42
CA VAL F 128 28.97 -27.40 20.64
C VAL F 128 29.15 -28.69 21.37
N GLU F 129 29.98 -29.55 20.80
CA GLU F 129 30.34 -30.78 21.40
C GLU F 129 31.83 -30.86 21.69
N GLY F 130 32.18 -31.36 22.87
CA GLY F 130 33.57 -31.65 23.19
C GLY F 130 33.82 -31.80 24.67
N PRO F 131 35.08 -31.56 25.13
CA PRO F 131 35.40 -31.98 26.49
C PRO F 131 34.90 -31.09 27.60
N SER F 132 34.18 -30.03 27.31
CA SER F 132 33.52 -29.27 28.37
C SER F 132 32.25 -28.69 27.79
N LYS F 133 31.35 -28.27 28.66
CA LYS F 133 30.07 -27.58 28.28
C LYS F 133 30.36 -26.15 27.82
N ALA F 134 29.78 -25.74 26.72
CA ALA F 134 29.91 -24.43 26.18
C ALA F 134 28.84 -23.50 26.72
N GLU F 135 29.26 -22.28 27.06
CA GLU F 135 28.31 -21.20 27.20
C GLU F 135 28.23 -20.49 25.89
N ILE F 136 27.00 -20.38 25.38
CA ILE F 136 26.69 -19.85 24.04
C ILE F 136 25.88 -18.54 24.08
N SER F 137 26.42 -17.53 23.33
CA SER F 137 25.84 -16.16 23.26
C SER F 137 25.27 -15.91 21.89
N PHE F 138 24.14 -15.20 21.79
CA PHE F 138 23.50 -14.84 20.54
C PHE F 138 23.24 -13.32 20.46
N GLU F 139 23.57 -12.76 19.30
CA GLU F 139 23.24 -11.41 18.97
C GLU F 139 22.51 -11.31 17.65
N ASP F 140 21.30 -10.80 17.67
CA ASP F 140 20.57 -10.47 16.45
C ASP F 140 21.12 -9.11 16.10
N ARG F 141 21.75 -8.96 14.97
CA ARG F 141 22.23 -7.63 14.60
C ARG F 141 21.03 -7.18 13.77
N LYS F 142 20.77 -5.92 13.53
CA LYS F 142 19.45 -5.72 12.88
C LYS F 142 19.54 -5.81 11.34
N ASP F 143 20.47 -6.63 10.82
CA ASP F 143 20.86 -6.44 9.44
C ASP F 143 20.85 -7.68 8.55
N GLY F 144 20.19 -8.75 8.98
CA GLY F 144 20.23 -10.02 8.29
C GLY F 144 21.39 -10.94 8.67
N SER F 145 22.17 -10.56 9.67
CA SER F 145 23.19 -11.38 10.27
C SER F 145 22.94 -11.56 11.79
N CYS F 146 23.58 -12.58 12.35
CA CYS F 146 23.60 -12.92 13.77
C CYS F 146 25.04 -13.03 14.21
N GLY F 147 25.38 -12.59 15.43
CA GLY F 147 26.69 -12.84 16.05
C GLY F 147 26.52 -13.98 17.05
N VAL F 148 27.44 -14.92 17.07
CA VAL F 148 27.43 -15.99 18.06
C VAL F 148 28.82 -16.00 18.69
N ALA F 149 28.85 -16.33 19.96
CA ALA F 149 30.10 -16.65 20.62
C ALA F 149 29.83 -17.79 21.57
N TYR F 150 30.85 -18.59 21.81
CA TYR F 150 30.84 -19.57 22.84
C TYR F 150 32.13 -19.55 23.60
N VAL F 151 32.05 -20.05 24.81
CA VAL F 151 33.28 -20.23 25.63
C VAL F 151 33.28 -21.65 26.14
N VAL F 152 34.45 -22.30 26.06
CA VAL F 152 34.62 -23.61 26.68
C VAL F 152 35.83 -23.54 27.59
N GLN F 153 35.75 -24.27 28.71
CA GLN F 153 36.78 -24.16 29.74
C GLN F 153 38.01 -25.09 29.52
N GLU F 154 37.81 -26.19 28.79
CA GLU F 154 38.85 -27.16 28.57
C GLU F 154 39.40 -27.13 27.14
N PRO F 155 40.71 -27.33 26.99
CA PRO F 155 41.24 -27.51 25.62
C PRO F 155 40.87 -28.88 25.04
N GLY F 156 40.93 -29.00 23.73
CA GLY F 156 40.56 -30.23 23.05
C GLY F 156 39.93 -29.89 21.72
N ASP F 157 39.38 -30.91 21.07
CA ASP F 157 38.77 -30.76 19.72
C ASP F 157 37.30 -30.70 19.93
N TYR F 158 36.71 -29.67 19.38
CA TYR F 158 35.27 -29.42 19.53
C TYR F 158 34.62 -29.42 18.16
N GLU F 159 33.36 -29.76 18.14
CA GLU F 159 32.55 -29.75 16.94
C GLU F 159 31.47 -28.74 17.10
N VAL F 160 31.44 -27.79 16.19
CA VAL F 160 30.40 -26.72 16.25
C VAL F 160 29.45 -27.03 15.12
N SER F 161 28.17 -27.21 15.47
CA SER F 161 27.05 -27.44 14.51
C SER F 161 26.14 -26.25 14.41
N VAL F 162 25.84 -25.85 13.18
CA VAL F 162 24.90 -24.77 12.95
C VAL F 162 23.84 -25.35 12.01
N LYS F 163 22.63 -25.39 12.53
CA LYS F 163 21.49 -25.90 11.81
C LYS F 163 20.35 -24.93 11.71
N PHE F 164 19.64 -25.00 10.57
CA PHE F 164 18.43 -24.26 10.36
C PHE F 164 17.35 -25.31 10.07
N ASN F 165 16.34 -25.36 10.94
CA ASN F 165 15.24 -26.32 10.90
C ASN F 165 15.76 -27.74 10.86
N GLU F 166 16.79 -27.91 11.63
CA GLU F 166 17.40 -29.19 11.84
C GLU F 166 18.22 -29.72 10.66
N GLU F 167 18.48 -28.89 9.68
CA GLU F 167 19.43 -29.14 8.66
C GLU F 167 20.69 -28.34 8.86
N HIS F 168 21.81 -29.02 8.76
CA HIS F 168 23.11 -28.37 8.74
C HIS F 168 23.29 -27.43 7.52
N ILE F 169 23.89 -26.29 7.79
CA ILE F 169 24.19 -25.28 6.78
C ILE F 169 25.47 -25.65 6.12
N PRO F 170 25.81 -24.96 5.01
CA PRO F 170 27.00 -25.32 4.31
C PRO F 170 28.22 -25.35 5.23
N ASP F 171 28.96 -26.45 5.13
CA ASP F 171 30.17 -26.75 5.90
C ASP F 171 29.98 -27.09 7.42
N SER F 172 28.75 -27.15 7.94
CA SER F 172 28.45 -27.62 9.30
C SER F 172 28.33 -29.11 9.24
N PRO F 173 28.98 -29.84 10.11
CA PRO F 173 29.58 -29.34 11.31
C PRO F 173 30.99 -28.86 11.14
N PHE F 174 31.42 -27.89 11.93
CA PHE F 174 32.80 -27.36 11.90
C PHE F 174 33.61 -28.02 12.99
N VAL F 175 34.80 -28.50 12.70
CA VAL F 175 35.68 -28.98 13.78
C VAL F 175 36.66 -27.84 14.19
N VAL F 176 36.81 -27.62 15.51
CA VAL F 176 37.57 -26.48 16.01
C VAL F 176 38.53 -26.96 17.09
N PRO F 177 39.84 -26.89 16.83
CA PRO F 177 40.81 -27.11 17.91
C PRO F 177 40.84 -25.92 18.92
N VAL F 178 40.79 -26.27 20.21
CA VAL F 178 40.76 -25.27 21.26
C VAL F 178 42.03 -25.48 22.11
N ALA F 179 42.87 -24.47 22.12
CA ALA F 179 44.18 -24.60 22.75
C ALA F 179 44.12 -24.25 24.24
N SER F 180 45.11 -24.75 24.97
CA SER F 180 45.24 -24.65 26.43
C SER F 180 45.99 -23.48 27.10
N PRO F 181 45.54 -22.22 26.92
CA PRO F 181 45.64 -21.34 28.11
C PRO F 181 44.43 -20.41 28.29
N GLU G 2 25.11 -32.63 -0.66
CA GLU G 2 24.32 -33.58 0.22
C GLU G 2 24.03 -33.08 1.61
N LYS G 3 22.79 -32.56 1.75
CA LYS G 3 21.88 -32.63 2.94
C LYS G 3 22.52 -33.44 4.13
N ARG G 4 22.72 -32.75 5.25
CA ARG G 4 22.97 -33.43 6.51
C ARG G 4 21.92 -32.96 7.44
N VAL G 5 21.07 -33.88 7.85
CA VAL G 5 19.94 -33.57 8.68
C VAL G 5 20.00 -34.33 9.97
N ALA G 6 19.41 -33.76 11.01
CA ALA G 6 19.32 -34.34 12.35
C ALA G 6 17.91 -34.78 12.71
N SER G 7 17.84 -35.96 13.29
CA SER G 7 16.62 -36.42 14.01
C SER G 7 17.01 -36.77 15.42
N SER G 8 16.20 -36.35 16.39
CA SER G 8 16.59 -36.61 17.74
C SER G 8 15.34 -36.78 18.65
N VAL G 9 15.48 -37.72 19.55
CA VAL G 9 14.47 -38.02 20.52
C VAL G 9 15.09 -37.89 21.91
N PHE G 10 14.23 -37.57 22.89
CA PHE G 10 14.60 -37.60 24.26
C PHE G 10 13.64 -38.45 25.08
N ILE G 11 14.18 -39.19 26.07
CA ILE G 11 13.46 -40.17 26.92
C ILE G 11 13.75 -39.82 28.34
N THR G 12 12.68 -39.72 29.11
CA THR G 12 12.82 -39.48 30.53
C THR G 12 13.07 -40.79 31.21
N LEU G 13 14.23 -40.95 31.79
CA LEU G 13 14.50 -42.16 32.53
C LEU G 13 14.09 -41.97 34.00
N ALA G 14 13.21 -42.88 34.45
CA ALA G 14 12.68 -42.92 35.82
C ALA G 14 13.68 -43.56 36.79
N PRO G 15 13.58 -43.23 38.09
CA PRO G 15 14.37 -44.01 39.07
C PRO G 15 14.15 -45.53 38.86
N PRO G 16 15.22 -46.35 38.85
CA PRO G 16 14.98 -47.81 38.63
C PRO G 16 14.11 -48.55 39.69
N LYS H 3 36.01 -37.62 27.54
CA LYS H 3 34.67 -36.95 27.79
C LYS H 3 34.17 -36.09 26.61
N ARG H 4 32.94 -36.30 26.16
CA ARG H 4 32.34 -35.45 25.13
C ARG H 4 30.90 -35.05 25.53
N VAL H 5 30.70 -33.76 25.67
CA VAL H 5 29.45 -33.20 26.21
C VAL H 5 28.86 -32.28 25.19
N ALA H 6 27.54 -32.30 25.06
CA ALA H 6 26.78 -31.46 24.14
C ALA H 6 26.11 -30.28 24.83
N SER H 7 26.25 -29.14 24.22
CA SER H 7 25.68 -27.89 24.69
C SER H 7 24.94 -27.29 23.52
N SER H 8 23.64 -27.01 23.63
CA SER H 8 22.93 -26.50 22.48
C SER H 8 21.86 -25.50 22.83
N VAL H 9 21.70 -24.56 21.92
CA VAL H 9 20.73 -23.47 22.06
C VAL H 9 19.93 -23.47 20.78
N PHE H 10 18.70 -23.08 20.90
CA PHE H 10 17.81 -22.86 19.77
C PHE H 10 17.26 -21.45 19.85
N ILE H 11 17.12 -20.83 18.65
CA ILE H 11 16.68 -19.44 18.50
C ILE H 11 15.56 -19.43 17.48
N THR H 12 14.44 -18.83 17.87
CA THR H 12 13.31 -18.63 16.95
C THR H 12 13.55 -17.40 16.10
N LEU H 13 13.77 -17.58 14.83
CA LEU H 13 13.89 -16.46 13.93
C LEU H 13 12.45 -16.08 13.45
N ALA H 14 11.91 -14.97 13.93
CA ALA H 14 10.69 -14.36 13.37
C ALA H 14 10.80 -14.26 11.82
N SER I 11 11.40 -1.66 8.40
CA SER I 11 10.35 -0.63 8.65
C SER I 11 9.49 -0.39 7.36
N HIS I 12 9.11 -1.48 6.68
CA HIS I 12 8.32 -1.40 5.44
C HIS I 12 6.89 -0.95 5.80
N CYS I 13 6.43 0.12 5.12
CA CYS I 13 5.09 0.68 5.31
C CYS I 13 4.11 -0.11 4.47
N ASP I 14 3.33 -0.94 5.15
CA ASP I 14 2.32 -1.74 4.48
C ASP I 14 1.19 -0.87 3.91
N LEU I 15 0.88 0.18 4.63
CA LEU I 15 -0.10 1.13 4.21
C LEU I 15 0.26 2.47 4.82
N SER I 16 0.23 3.50 3.98
CA SER I 16 0.43 4.85 4.43
C SER I 16 -0.82 5.66 4.15
N LEU I 17 -1.19 6.48 5.11
CA LEU I 17 -2.40 7.31 4.99
C LEU I 17 -2.01 8.76 5.27
N LYS I 18 -2.46 9.68 4.41
CA LYS I 18 -2.33 11.08 4.66
C LYS I 18 -3.67 11.57 5.17
N ILE I 19 -3.68 12.03 6.42
CA ILE I 19 -4.92 12.42 7.13
C ILE I 19 -4.64 13.66 7.96
N PRO I 20 -5.35 14.77 7.65
CA PRO I 20 -5.30 15.94 8.54
C PRO I 20 -6.11 15.68 9.80
N GLN I 25 -1.47 9.70 16.96
CA GLN I 25 -2.38 10.76 17.36
C GLN I 25 -3.32 10.15 18.48
N ASP I 26 -4.67 10.30 18.38
CA ASP I 26 -5.63 9.38 19.05
C ASP I 26 -6.13 8.26 18.02
N MET I 27 -5.18 7.70 17.26
CA MET I 27 -5.49 6.80 16.10
C MET I 27 -5.10 5.35 16.35
N THR I 28 -6.00 4.42 16.06
CA THR I 28 -5.80 3.00 16.38
C THR I 28 -5.90 2.19 15.08
N ALA I 29 -5.03 1.21 14.94
CA ALA I 29 -4.97 0.36 13.75
C ALA I 29 -4.92 -1.09 14.18
N GLN I 30 -6.00 -1.83 13.91
CA GLN I 30 -5.99 -3.28 14.21
C GLN I 30 -6.00 -4.09 12.92
N VAL I 31 -5.06 -5.02 12.83
CA VAL I 31 -4.83 -5.85 11.69
C VAL I 31 -5.46 -7.21 11.99
N THR I 32 -6.27 -7.71 11.06
CA THR I 32 -6.76 -9.08 11.10
C THR I 32 -6.09 -9.92 9.99
N SER I 33 -5.47 -11.03 10.40
CA SER I 33 -4.79 -11.96 9.49
C SER I 33 -5.79 -12.93 8.87
N PRO I 34 -5.35 -13.68 7.84
CA PRO I 34 -6.28 -14.66 7.22
C PRO I 34 -6.81 -15.70 8.20
N SER I 35 -5.97 -16.15 9.15
CA SER I 35 -6.43 -17.06 10.20
C SER I 35 -7.50 -16.49 11.13
N GLY I 36 -7.78 -15.18 11.05
CA GLY I 36 -8.69 -14.50 11.96
C GLY I 36 -8.01 -13.87 13.16
N LYS I 37 -6.69 -14.07 13.34
CA LYS I 37 -6.01 -13.51 14.52
C LYS I 37 -5.86 -11.99 14.34
N THR I 38 -6.08 -11.25 15.40
CA THR I 38 -5.92 -9.79 15.37
C THR I 38 -4.62 -9.36 16.06
N HIS I 39 -4.05 -8.25 15.62
CA HIS I 39 -2.91 -7.65 16.31
C HIS I 39 -2.94 -6.13 16.20
N GLU I 40 -2.38 -5.47 17.22
CA GLU I 40 -2.24 -4.01 17.19
C GLU I 40 -1.10 -3.62 16.27
N ALA I 41 -1.33 -2.73 15.30
CA ALA I 41 -0.22 -2.22 14.47
C ALA I 41 0.33 -0.90 15.02
N GLU I 42 1.55 -0.60 14.61
CA GLU I 42 2.21 0.65 14.98
C GLU I 42 1.84 1.69 13.89
N ILE I 43 1.49 2.93 14.25
CA ILE I 43 1.08 4.00 13.31
C ILE I 43 2.22 4.95 12.84
N HIS I 49 2.14 14.92 7.55
CA HIS I 49 0.81 14.47 7.95
C HIS I 49 0.46 13.09 7.32
N THR I 50 1.48 12.24 7.14
CA THR I 50 1.43 10.94 6.44
C THR I 50 1.88 9.77 7.33
N TYR I 51 0.92 8.92 7.69
CA TYR I 51 1.10 7.93 8.74
C TYR I 51 1.36 6.56 8.14
N CYS I 52 2.41 5.91 8.64
CA CYS I 52 2.90 4.66 8.13
C CYS I 52 2.40 3.55 9.04
N ILE I 53 1.64 2.60 8.51
CA ILE I 53 1.09 1.51 9.31
C ILE I 53 2.07 0.37 9.11
N ARG I 54 2.70 -0.05 10.20
CA ARG I 54 3.76 -1.09 10.16
C ARG I 54 3.23 -2.33 10.87
N PHE I 55 3.27 -3.45 10.13
CA PHE I 55 2.80 -4.74 10.60
C PHE I 55 3.80 -5.79 10.10
N VAL I 56 4.40 -6.57 10.99
CA VAL I 56 5.30 -7.65 10.54
C VAL I 56 4.39 -8.93 10.53
N PRO I 57 4.15 -9.51 9.34
CA PRO I 57 3.20 -10.63 9.26
C PRO I 57 3.79 -11.99 9.63
N ALA I 58 2.98 -12.81 10.29
CA ALA I 58 3.30 -14.23 10.55
C ALA I 58 2.67 -15.13 9.51
N GLU I 59 1.75 -14.59 8.70
CA GLU I 59 0.93 -15.39 7.76
C GLU I 59 0.95 -14.72 6.42
N MET I 60 0.80 -15.50 5.35
CA MET I 60 0.74 -14.95 4.02
C MET I 60 -0.72 -14.72 3.70
N GLY I 61 -0.96 -13.82 2.75
CA GLY I 61 -2.33 -13.48 2.26
C GLY I 61 -2.77 -12.07 2.61
N THR I 62 -4.03 -11.76 2.34
CA THR I 62 -4.58 -10.44 2.45
C THR I 62 -5.00 -10.18 3.86
N HIS I 63 -4.46 -9.12 4.42
CA HIS I 63 -4.75 -8.72 5.78
C HIS I 63 -5.65 -7.55 5.71
N THR I 64 -6.47 -7.36 6.74
CA THR I 64 -7.37 -6.22 6.79
C THR I 64 -6.89 -5.32 7.92
N VAL I 65 -6.92 -4.02 7.69
CA VAL I 65 -6.70 -3.08 8.81
C VAL I 65 -7.84 -2.04 8.97
N SER I 66 -8.44 -2.03 10.16
CA SER I 66 -9.39 -0.99 10.54
C SER I 66 -8.57 0.12 11.18
N VAL I 67 -8.75 1.33 10.70
CA VAL I 67 -8.06 2.49 11.19
C VAL I 67 -9.13 3.46 11.70
N LYS I 68 -9.01 3.79 13.00
CA LYS I 68 -9.99 4.61 13.67
C LYS I 68 -9.33 5.82 14.35
N TYR I 69 -10.01 6.97 14.28
CA TYR I 69 -9.61 8.20 15.00
C TYR I 69 -10.70 8.48 16.01
N LYS I 70 -10.31 8.45 17.28
CA LYS I 70 -11.24 8.51 18.39
C LYS I 70 -12.43 7.56 18.24
N GLY I 71 -12.13 6.32 17.86
CA GLY I 71 -13.10 5.24 17.81
C GLY I 71 -13.98 5.14 16.59
N GLN I 72 -13.85 6.08 15.61
CA GLN I 72 -14.63 5.99 14.36
C GLN I 72 -13.69 5.75 13.13
N HIS I 73 -14.12 4.89 12.20
CA HIS I 73 -13.34 4.50 10.99
C HIS I 73 -12.93 5.77 10.24
N VAL I 74 -11.65 5.91 9.94
CA VAL I 74 -11.24 7.05 9.10
C VAL I 74 -11.85 6.78 7.71
N PRO I 75 -11.98 7.81 6.86
CA PRO I 75 -12.34 7.56 5.47
C PRO I 75 -11.44 6.51 4.79
N GLY I 76 -12.08 5.49 4.18
CA GLY I 76 -11.37 4.41 3.58
C GLY I 76 -11.30 3.13 4.38
N SER I 77 -11.47 3.22 5.70
CA SER I 77 -11.33 2.07 6.59
C SER I 77 -12.63 1.26 6.50
N PRO I 78 -12.58 -0.07 6.48
CA PRO I 78 -11.35 -0.90 6.55
C PRO I 78 -10.57 -1.03 5.25
N PHE I 79 -9.24 -0.97 5.40
CA PHE I 79 -8.34 -1.07 4.28
C PHE I 79 -7.86 -2.52 4.27
N GLN I 80 -7.39 -2.97 3.12
CA GLN I 80 -6.65 -4.21 3.09
C GLN I 80 -5.33 -4.05 2.35
N PHE I 81 -4.45 -5.02 2.55
CA PHE I 81 -3.18 -5.11 1.83
C PHE I 81 -2.70 -6.55 1.84
N THR I 82 -1.90 -6.88 0.85
CA THR I 82 -1.37 -8.23 0.72
C THR I 82 0.10 -8.19 1.18
N VAL I 83 0.57 -9.30 1.70
CA VAL I 83 1.94 -9.38 2.20
C VAL I 83 2.78 -10.32 1.38
N GLY I 84 4.08 -10.17 1.50
CA GLY I 84 5.00 -11.15 1.00
C GLY I 84 5.76 -10.52 -0.12
N PRO I 85 6.91 -11.09 -0.45
CA PRO I 85 7.44 -12.33 0.16
C PRO I 85 8.11 -12.12 1.50
N LEU I 86 8.40 -13.24 2.16
CA LEU I 86 8.85 -13.25 3.55
C LEU I 86 10.39 -13.43 3.70
N GLY I 87 11.17 -12.73 2.87
CA GLY I 87 12.62 -13.00 2.77
C GLY I 87 12.90 -14.32 2.02
N GLU I 88 12.42 -15.39 2.64
CA GLU I 88 12.22 -16.68 1.95
C GLU I 88 11.23 -16.49 0.80
N GLY I 89 11.75 -16.46 -0.44
CA GLY I 89 10.89 -16.34 -1.64
C GLY I 89 11.00 -17.50 -2.62
N GLY I 90 10.27 -18.57 -2.30
CA GLY I 90 10.35 -19.83 -3.04
C GLY I 90 9.62 -19.77 -4.38
N ALA I 91 9.04 -18.63 -4.73
CA ALA I 91 8.32 -18.50 -6.02
C ALA I 91 9.12 -18.98 -7.24
N HIS I 92 10.44 -18.70 -7.28
CA HIS I 92 11.27 -19.14 -8.41
C HIS I 92 11.42 -20.66 -8.45
N LYS I 93 11.10 -21.37 -7.36
CA LYS I 93 11.14 -22.88 -7.35
C LYS I 93 9.77 -23.55 -7.80
N VAL I 94 8.74 -22.76 -8.00
CA VAL I 94 7.42 -23.23 -8.46
C VAL I 94 7.48 -23.33 -10.01
N ARG I 95 6.88 -24.37 -10.57
CA ARG I 95 6.64 -24.47 -12.01
C ARG I 95 5.16 -24.75 -12.26
N ALA I 96 4.64 -24.20 -13.34
CA ALA I 96 3.24 -24.45 -13.78
C ALA I 96 3.28 -24.81 -15.26
N GLY I 97 2.33 -25.58 -15.71
CA GLY I 97 2.15 -25.83 -17.14
C GLY I 97 0.78 -26.45 -17.37
N GLY I 98 0.27 -26.35 -18.60
CA GLY I 98 -0.91 -27.14 -19.07
C GLY I 98 -1.71 -26.35 -20.07
N PRO I 99 -2.75 -26.96 -20.67
CA PRO I 99 -3.52 -26.32 -21.75
C PRO I 99 -4.14 -25.01 -21.35
N GLY I 100 -4.59 -24.92 -20.11
CA GLY I 100 -5.16 -23.67 -19.61
C GLY I 100 -4.22 -22.51 -19.55
N LEU I 101 -2.91 -22.72 -19.65
CA LEU I 101 -1.99 -21.61 -19.74
C LEU I 101 -1.55 -21.35 -21.18
N GLU I 102 -2.17 -22.02 -22.15
CA GLU I 102 -1.79 -21.91 -23.57
C GLU I 102 -2.97 -21.36 -24.37
N ARG I 103 -4.12 -22.02 -24.30
CA ARG I 103 -5.33 -21.66 -25.06
C ARG I 103 -6.54 -22.20 -24.33
N ALA I 104 -7.69 -21.55 -24.48
CA ALA I 104 -8.93 -22.05 -23.85
C ALA I 104 -10.14 -21.70 -24.67
N GLU I 105 -11.27 -22.19 -24.21
CA GLU I 105 -12.53 -21.93 -24.88
C GLU I 105 -13.53 -21.39 -23.89
N ALA I 106 -14.31 -20.40 -24.31
CA ALA I 106 -15.34 -19.84 -23.43
C ALA I 106 -16.33 -20.97 -23.02
N GLY I 107 -16.61 -21.03 -21.74
CA GLY I 107 -17.48 -22.02 -21.14
C GLY I 107 -16.86 -23.36 -20.82
N VAL I 108 -15.59 -23.58 -21.16
CA VAL I 108 -14.95 -24.88 -21.01
C VAL I 108 -13.81 -24.79 -19.98
N PRO I 109 -13.82 -25.66 -18.94
CA PRO I 109 -12.69 -25.66 -17.98
C PRO I 109 -11.29 -25.68 -18.65
N ALA I 110 -10.48 -24.69 -18.30
CA ALA I 110 -9.13 -24.57 -18.80
C ALA I 110 -8.21 -25.04 -17.62
N GLU I 111 -7.46 -26.09 -17.85
CA GLU I 111 -6.84 -26.86 -16.79
C GLU I 111 -5.32 -26.70 -16.86
N PHE I 112 -4.72 -26.58 -15.69
CA PHE I 112 -3.25 -26.62 -15.60
C PHE I 112 -2.81 -27.20 -14.28
N SER I 113 -1.54 -27.54 -14.20
CA SER I 113 -0.97 -28.00 -12.94
C SER I 113 0.10 -27.03 -12.44
N ILE I 114 0.34 -27.07 -11.13
CA ILE I 114 1.37 -26.27 -10.49
C ILE I 114 2.21 -27.21 -9.64
N TRP I 115 3.53 -27.16 -9.80
CA TRP I 115 4.43 -27.93 -8.97
C TRP I 115 4.93 -27.03 -7.84
N THR I 116 4.57 -27.32 -6.58
CA THR I 116 4.83 -26.44 -5.45
C THR I 116 5.72 -27.07 -4.39
N ARG I 117 6.02 -28.39 -4.48
CA ARG I 117 6.75 -29.11 -3.45
C ARG I 117 8.07 -28.40 -3.05
N GLU I 118 8.78 -27.90 -4.07
CA GLU I 118 10.12 -27.28 -3.93
C GLU I 118 10.08 -25.95 -3.16
N ALA I 119 8.99 -25.21 -3.32
CA ALA I 119 8.81 -23.92 -2.62
C ALA I 119 8.40 -24.09 -1.14
N GLY I 120 7.75 -25.22 -0.82
CA GLY I 120 7.29 -25.47 0.53
C GLY I 120 6.06 -24.64 0.90
N ALA I 121 5.94 -24.30 2.18
CA ALA I 121 4.78 -23.60 2.71
C ALA I 121 4.74 -22.16 2.25
N GLY I 122 3.54 -21.64 2.07
CA GLY I 122 3.34 -20.25 1.68
C GLY I 122 1.96 -20.01 1.14
N GLY I 123 1.80 -18.88 0.49
CA GLY I 123 0.54 -18.42 -0.04
C GLY I 123 0.55 -18.47 -1.56
N LEU I 124 -0.33 -19.30 -2.11
CA LEU I 124 -0.52 -19.38 -3.56
C LEU I 124 -1.69 -18.57 -3.97
N ALA I 125 -1.47 -17.62 -4.87
CA ALA I 125 -2.56 -16.89 -5.48
C ALA I 125 -2.70 -17.17 -6.96
N ILE I 126 -3.95 -17.37 -7.38
CA ILE I 126 -4.22 -17.53 -8.84
C ILE I 126 -5.17 -16.45 -9.21
N ALA I 127 -4.82 -15.67 -10.20
CA ALA I 127 -5.68 -14.60 -10.70
C ALA I 127 -5.88 -14.71 -12.16
N VAL I 128 -7.08 -14.34 -12.61
CA VAL I 128 -7.46 -14.38 -14.03
C VAL I 128 -8.02 -12.99 -14.30
N GLU I 129 -7.44 -12.33 -15.26
CA GLU I 129 -7.91 -11.04 -15.70
C GLU I 129 -8.37 -11.07 -17.17
N GLY I 130 -9.50 -10.43 -17.44
CA GLY I 130 -9.94 -10.30 -18.85
C GLY I 130 -11.41 -9.94 -18.93
N PRO I 131 -12.04 -10.23 -20.10
CA PRO I 131 -13.39 -9.67 -20.30
C PRO I 131 -14.56 -10.30 -19.53
N SER I 132 -14.33 -11.30 -18.72
CA SER I 132 -15.41 -11.81 -17.85
C SER I 132 -14.73 -12.34 -16.60
N LYS I 133 -15.53 -12.55 -15.57
CA LYS I 133 -15.07 -13.11 -14.29
C LYS I 133 -14.85 -14.64 -14.42
N ALA I 134 -13.74 -15.13 -13.92
CA ALA I 134 -13.41 -16.53 -13.93
C ALA I 134 -13.93 -17.21 -12.67
N GLU I 135 -14.46 -18.41 -12.84
CA GLU I 135 -14.64 -19.33 -11.75
C GLU I 135 -13.42 -20.23 -11.71
N ILE I 136 -12.80 -20.30 -10.53
CA ILE I 136 -11.51 -21.01 -10.33
C ILE I 136 -11.70 -22.19 -9.38
N SER I 137 -11.21 -23.37 -9.85
CA SER I 137 -11.20 -24.62 -9.06
C SER I 137 -9.74 -24.99 -8.64
N PHE I 138 -9.57 -25.50 -7.43
CA PHE I 138 -8.28 -25.92 -6.89
C PHE I 138 -8.37 -27.38 -6.42
N GLU I 139 -7.34 -28.14 -6.79
CA GLU I 139 -7.16 -29.48 -6.28
C GLU I 139 -5.78 -29.64 -5.68
N ASP I 140 -5.72 -29.94 -4.39
CA ASP I 140 -4.46 -30.36 -3.77
C ASP I 140 -4.33 -31.83 -4.10
N ARG I 141 -3.27 -32.22 -4.77
CA ARG I 141 -3.14 -33.65 -5.10
C ARG I 141 -2.34 -34.42 -4.06
N LYS I 142 -1.85 -33.75 -2.99
CA LYS I 142 -1.06 -34.36 -1.89
C LYS I 142 0.28 -35.02 -2.31
N ASP I 143 0.72 -34.70 -3.52
CA ASP I 143 1.98 -35.25 -4.08
C ASP I 143 3.02 -34.19 -4.46
N GLY I 144 2.83 -32.98 -3.97
CA GLY I 144 3.70 -31.88 -4.32
C GLY I 144 3.26 -31.11 -5.54
N SER I 145 2.08 -31.46 -6.08
CA SER I 145 1.42 -30.74 -7.18
C SER I 145 -0.04 -30.36 -6.81
N CYS I 146 -0.54 -29.35 -7.52
CA CYS I 146 -1.87 -28.80 -7.41
C CYS I 146 -2.47 -28.87 -8.79
N GLY I 147 -3.75 -29.19 -8.92
CA GLY I 147 -4.51 -28.98 -10.17
C GLY I 147 -5.31 -27.71 -10.06
N VAL I 148 -5.34 -26.91 -11.12
CA VAL I 148 -6.18 -25.71 -11.16
C VAL I 148 -6.99 -25.78 -12.45
N ALA I 149 -8.22 -25.30 -12.38
CA ALA I 149 -9.02 -25.08 -13.57
C ALA I 149 -9.78 -23.76 -13.39
N TYR I 150 -10.05 -23.08 -14.49
CA TYR I 150 -10.90 -21.92 -14.51
C TYR I 150 -11.83 -21.97 -15.72
N VAL I 151 -12.94 -21.28 -15.57
CA VAL I 151 -13.91 -21.17 -16.66
C VAL I 151 -14.25 -19.70 -16.81
N VAL I 152 -14.21 -19.19 -18.04
CA VAL I 152 -14.63 -17.79 -18.33
C VAL I 152 -15.69 -17.85 -19.41
N GLN I 153 -16.65 -16.95 -19.33
CA GLN I 153 -17.84 -17.02 -20.19
C GLN I 153 -17.64 -16.31 -21.54
N GLU I 154 -16.72 -15.33 -21.60
CA GLU I 154 -16.52 -14.55 -22.80
C GLU I 154 -15.21 -14.88 -23.50
N PRO I 155 -15.21 -14.87 -24.83
CA PRO I 155 -13.92 -14.94 -25.53
C PRO I 155 -13.11 -13.66 -25.41
N GLY I 156 -11.81 -13.75 -25.65
CA GLY I 156 -10.92 -12.60 -25.54
C GLY I 156 -9.57 -13.07 -25.02
N ASP I 157 -8.72 -12.11 -24.69
CA ASP I 157 -7.34 -12.39 -24.18
C ASP I 157 -7.37 -12.22 -22.73
N TYR I 158 -6.93 -13.25 -22.04
CA TYR I 158 -6.93 -13.28 -20.60
C TYR I 158 -5.50 -13.40 -20.12
N GLU I 159 -5.29 -12.92 -18.91
CA GLU I 159 -4.01 -13.01 -18.23
C GLU I 159 -4.18 -13.84 -17.03
N VAL I 160 -3.41 -14.91 -16.96
CA VAL I 160 -3.47 -15.82 -15.82
C VAL I 160 -2.17 -15.60 -15.06
N SER I 161 -2.31 -15.19 -13.79
CA SER I 161 -1.21 -14.96 -12.90
C SER I 161 -1.16 -16.11 -11.92
N VAL I 162 0.05 -16.62 -11.69
CA VAL I 162 0.28 -17.50 -10.58
C VAL I 162 1.40 -16.88 -9.71
N LYS I 163 1.07 -16.60 -8.45
CA LYS I 163 2.03 -16.05 -7.50
C LYS I 163 2.18 -16.90 -6.24
N PHE I 164 3.40 -16.93 -5.71
CA PHE I 164 3.73 -17.55 -4.44
C PHE I 164 4.28 -16.43 -3.58
N ASN I 165 3.61 -16.18 -2.46
CA ASN I 165 3.90 -15.09 -1.58
C ASN I 165 4.01 -13.75 -2.29
N GLU I 166 3.10 -13.56 -3.22
CA GLU I 166 2.98 -12.37 -4.01
C GLU I 166 4.14 -12.12 -4.98
N GLU I 167 4.93 -13.14 -5.24
CA GLU I 167 5.92 -13.10 -6.29
C GLU I 167 5.41 -14.06 -7.42
N HIS I 168 5.38 -13.55 -8.65
CA HIS I 168 5.10 -14.34 -9.81
C HIS I 168 6.16 -15.47 -9.95
N ILE I 169 5.66 -16.64 -10.30
CA ILE I 169 6.50 -17.79 -10.63
C ILE I 169 7.03 -17.64 -12.04
N PRO I 170 8.02 -18.49 -12.41
CA PRO I 170 8.58 -18.40 -13.75
C PRO I 170 7.49 -18.42 -14.82
N ASP I 171 7.59 -17.46 -15.74
CA ASP I 171 6.69 -17.26 -16.88
C ASP I 171 5.27 -16.75 -16.53
N SER I 172 4.98 -16.42 -15.26
CA SER I 172 3.75 -15.73 -14.90
C SER I 172 4.02 -14.26 -15.04
N PRO I 173 3.12 -13.48 -15.58
CA PRO I 173 1.84 -13.88 -16.02
C PRO I 173 1.78 -14.58 -17.39
N PHE I 174 0.81 -15.47 -17.56
CA PHE I 174 0.58 -16.13 -18.83
C PHE I 174 -0.54 -15.45 -19.58
N VAL I 175 -0.35 -15.23 -20.86
CA VAL I 175 -1.40 -14.63 -21.68
C VAL I 175 -2.11 -15.73 -22.46
N VAL I 176 -3.42 -15.80 -22.36
CA VAL I 176 -4.16 -16.96 -22.86
C VAL I 176 -5.28 -16.47 -23.75
N PRO I 177 -5.17 -16.73 -25.08
CA PRO I 177 -6.33 -16.49 -25.93
C PRO I 177 -7.49 -17.47 -25.66
N VAL I 178 -8.69 -16.94 -25.49
CA VAL I 178 -9.87 -17.75 -25.21
C VAL I 178 -10.83 -17.59 -26.40
N ALA I 179 -11.09 -18.69 -27.08
CA ALA I 179 -11.86 -18.62 -28.32
C ALA I 179 -13.36 -18.74 -28.01
N SER I 180 -14.17 -18.28 -28.95
CA SER I 180 -15.60 -18.46 -28.85
C SER I 180 -15.89 -19.98 -28.86
N PRO I 181 -16.99 -20.41 -28.21
CA PRO I 181 -17.35 -21.82 -28.23
C PRO I 181 -18.05 -22.22 -29.54
N GLY J 10 -26.39 -17.17 -13.81
CA GLY J 10 -25.85 -18.49 -13.41
C GLY J 10 -24.91 -18.21 -12.27
N SER J 11 -25.11 -18.93 -11.17
CA SER J 11 -24.57 -18.42 -9.95
C SER J 11 -23.10 -18.78 -9.72
N HIS J 12 -22.37 -17.74 -9.40
CA HIS J 12 -20.95 -17.80 -9.44
C HIS J 12 -20.38 -18.61 -8.24
N CYS J 13 -19.56 -19.65 -8.54
CA CYS J 13 -18.81 -20.39 -7.48
C CYS J 13 -17.63 -19.52 -7.11
N ASP J 14 -17.68 -18.95 -5.91
CA ASP J 14 -16.64 -18.08 -5.45
C ASP J 14 -15.35 -18.87 -5.32
N LEU J 15 -15.50 -20.14 -4.94
CA LEU J 15 -14.37 -21.05 -4.87
C LEU J 15 -14.86 -22.46 -5.12
N SER J 16 -14.12 -23.24 -5.92
CA SER J 16 -14.40 -24.65 -6.11
C SER J 16 -13.19 -25.49 -5.69
N LEU J 17 -13.46 -26.60 -5.00
CA LEU J 17 -12.45 -27.42 -4.35
C LEU J 17 -12.75 -28.86 -4.68
N LYS J 18 -11.76 -29.53 -5.23
CA LYS J 18 -11.85 -30.94 -5.47
C LYS J 18 -11.14 -31.63 -4.31
N ILE J 19 -11.90 -32.41 -3.54
CA ILE J 19 -11.39 -33.04 -2.31
C ILE J 19 -11.99 -34.42 -2.20
N PRO J 20 -11.12 -35.47 -2.30
CA PRO J 20 -11.64 -36.83 -2.24
C PRO J 20 -11.95 -37.28 -0.80
N GLU J 21 -12.85 -38.26 -0.71
CA GLU J 21 -13.08 -39.08 0.51
C GLU J 21 -13.70 -38.29 1.69
N ILE J 22 -14.19 -37.06 1.46
CA ILE J 22 -14.98 -36.35 2.47
C ILE J 22 -16.45 -36.39 2.11
N SER J 23 -17.31 -35.90 3.01
CA SER J 23 -18.76 -35.85 2.81
C SER J 23 -19.30 -34.53 3.31
N ILE J 24 -20.13 -33.94 2.46
CA ILE J 24 -20.70 -32.63 2.66
C ILE J 24 -21.38 -32.36 4.03
N GLN J 25 -21.98 -33.38 4.63
CA GLN J 25 -22.68 -33.19 5.93
C GLN J 25 -21.79 -32.87 7.11
N ASP J 26 -20.50 -33.15 6.98
CA ASP J 26 -19.55 -32.78 7.99
C ASP J 26 -18.65 -31.64 7.58
N MET J 27 -18.98 -30.93 6.49
CA MET J 27 -18.16 -29.79 6.07
C MET J 27 -18.76 -28.48 6.50
N THR J 28 -17.89 -27.52 6.81
CA THR J 28 -18.35 -26.17 7.14
C THR J 28 -17.46 -25.13 6.41
N ALA J 29 -18.13 -24.08 5.95
CA ALA J 29 -17.46 -23.01 5.24
C ALA J 29 -17.88 -21.68 5.80
N GLN J 30 -16.96 -21.02 6.47
CA GLN J 30 -17.30 -19.71 7.05
C GLN J 30 -16.46 -18.60 6.44
N VAL J 31 -17.20 -17.58 5.99
CA VAL J 31 -16.62 -16.42 5.27
C VAL J 31 -16.53 -15.23 6.21
N THR J 32 -15.33 -14.61 6.28
CA THR J 32 -15.16 -13.43 7.04
C THR J 32 -14.98 -12.25 6.06
N SER J 33 -15.80 -11.23 6.24
CA SER J 33 -15.73 -10.02 5.45
C SER J 33 -14.66 -9.06 5.95
N PRO J 34 -14.31 -8.06 5.12
CA PRO J 34 -13.39 -7.02 5.63
C PRO J 34 -13.76 -6.33 6.96
N SER J 35 -15.06 -6.04 7.18
CA SER J 35 -15.53 -5.52 8.48
C SER J 35 -15.32 -6.46 9.66
N GLY J 36 -14.91 -7.71 9.43
CA GLY J 36 -14.77 -8.70 10.50
C GLY J 36 -16.05 -9.54 10.74
N LYS J 37 -17.14 -9.28 10.00
CA LYS J 37 -18.37 -10.07 10.13
C LYS J 37 -18.21 -11.44 9.50
N THR J 38 -18.67 -12.48 10.18
CA THR J 38 -18.61 -13.85 9.63
C THR J 38 -19.97 -14.40 9.26
N HIS J 39 -20.00 -15.13 8.15
CA HIS J 39 -21.18 -15.67 7.57
C HIS J 39 -20.96 -17.06 7.08
N GLU J 40 -22.02 -17.86 7.15
CA GLU J 40 -21.92 -19.25 6.66
C GLU J 40 -22.03 -19.17 5.13
N ALA J 41 -21.14 -19.86 4.42
CA ALA J 41 -21.26 -19.94 2.96
C ALA J 41 -22.10 -21.15 2.60
N GLU J 42 -22.66 -21.13 1.40
CA GLU J 42 -23.29 -22.29 0.80
C GLU J 42 -22.23 -23.26 0.25
N ILE J 43 -22.38 -24.55 0.50
CA ILE J 43 -21.52 -25.56 -0.06
C ILE J 43 -22.40 -26.54 -0.79
N VAL J 44 -22.09 -26.77 -2.06
CA VAL J 44 -22.73 -27.85 -2.80
C VAL J 44 -21.65 -28.76 -3.40
N GLU J 45 -21.97 -30.04 -3.54
CA GLU J 45 -21.12 -31.02 -4.14
C GLU J 45 -21.56 -31.17 -5.59
N GLY J 46 -20.63 -30.86 -6.50
CA GLY J 46 -20.79 -31.11 -7.95
C GLY J 46 -20.29 -32.51 -8.32
N GLU J 47 -20.02 -32.69 -9.62
CA GLU J 47 -19.46 -33.95 -10.13
C GLU J 47 -17.99 -34.09 -9.73
N ASN J 48 -17.52 -35.31 -9.54
CA ASN J 48 -16.11 -35.56 -9.22
C ASN J 48 -15.59 -35.03 -7.89
N HIS J 49 -16.30 -35.24 -6.79
CA HIS J 49 -15.99 -34.66 -5.47
C HIS J 49 -15.42 -33.21 -5.50
N THR J 50 -16.09 -32.38 -6.31
CA THR J 50 -15.80 -31.00 -6.56
C THR J 50 -16.91 -30.18 -5.86
N TYR J 51 -16.51 -29.45 -4.82
CA TYR J 51 -17.41 -28.69 -4.02
C TYR J 51 -17.39 -27.25 -4.45
N CYS J 52 -18.57 -26.68 -4.62
CA CYS J 52 -18.73 -25.28 -4.99
C CYS J 52 -19.08 -24.51 -3.71
N ILE J 53 -18.33 -23.48 -3.40
CA ILE J 53 -18.57 -22.62 -2.25
C ILE J 53 -19.07 -21.29 -2.72
N ARG J 54 -20.26 -20.89 -2.26
CA ARG J 54 -20.82 -19.59 -2.66
C ARG J 54 -21.19 -18.71 -1.46
N PHE J 55 -21.15 -17.43 -1.74
CA PHE J 55 -21.36 -16.39 -0.76
C PHE J 55 -21.96 -15.17 -1.47
N VAL J 56 -23.00 -14.59 -0.92
CA VAL J 56 -23.52 -13.33 -1.46
C VAL J 56 -22.94 -12.22 -0.58
N PRO J 57 -22.09 -11.35 -1.13
CA PRO J 57 -21.42 -10.37 -0.28
C PRO J 57 -22.24 -9.11 -0.01
N ALA J 58 -22.14 -8.59 1.19
CA ALA J 58 -22.65 -7.25 1.57
C ALA J 58 -21.54 -6.17 1.47
N GLU J 59 -20.27 -6.58 1.33
CA GLU J 59 -19.13 -5.66 1.42
C GLU J 59 -18.20 -6.03 0.29
N MET J 60 -17.48 -5.04 -0.23
CA MET J 60 -16.50 -5.32 -1.26
C MET J 60 -15.15 -5.56 -0.60
N GLY J 61 -14.25 -6.20 -1.36
CA GLY J 61 -12.91 -6.50 -0.91
C GLY J 61 -12.68 -8.00 -0.79
N THR J 62 -11.50 -8.35 -0.30
CA THR J 62 -11.05 -9.71 -0.18
C THR J 62 -11.71 -10.33 1.04
N HIS J 63 -12.42 -11.43 0.81
CA HIS J 63 -13.02 -12.21 1.87
C HIS J 63 -12.20 -13.43 2.18
N THR J 64 -12.24 -13.89 3.45
CA THR J 64 -11.51 -15.13 3.83
C THR J 64 -12.49 -16.26 4.13
N VAL J 65 -12.24 -17.47 3.62
CA VAL J 65 -13.13 -18.66 3.88
C VAL J 65 -12.36 -19.78 4.50
N SER J 66 -12.71 -20.14 5.75
CA SER J 66 -12.20 -21.39 6.34
C SER J 66 -13.15 -22.53 5.92
N VAL J 67 -12.55 -23.59 5.40
CA VAL J 67 -13.24 -24.79 4.94
C VAL J 67 -12.72 -25.95 5.76
N LYS J 68 -13.65 -26.58 6.51
CA LYS J 68 -13.31 -27.61 7.47
C LYS J 68 -14.15 -28.83 7.20
N TYR J 69 -13.53 -29.98 7.37
CA TYR J 69 -14.19 -31.25 7.41
C TYR J 69 -13.97 -31.87 8.79
N LYS J 70 -15.07 -32.21 9.45
CA LYS J 70 -15.05 -32.71 10.83
C LYS J 70 -14.20 -31.87 11.75
N GLY J 71 -14.38 -30.55 11.62
CA GLY J 71 -13.68 -29.60 12.44
C GLY J 71 -12.26 -29.30 12.06
N GLN J 72 -11.71 -29.92 11.01
CA GLN J 72 -10.31 -29.70 10.64
C GLN J 72 -10.20 -28.99 9.30
N HIS J 73 -9.32 -28.00 9.19
CA HIS J 73 -9.13 -27.31 7.91
C HIS J 73 -8.86 -28.33 6.83
N VAL J 74 -9.51 -28.18 5.71
CA VAL J 74 -9.14 -28.93 4.54
C VAL J 74 -7.82 -28.39 3.96
N PRO J 75 -7.16 -29.19 3.07
CA PRO J 75 -5.94 -28.69 2.43
C PRO J 75 -6.18 -27.44 1.64
N GLY J 76 -5.41 -26.38 1.97
CA GLY J 76 -5.59 -25.07 1.39
C GLY J 76 -6.28 -24.00 2.24
N SER J 77 -7.01 -24.42 3.25
CA SER J 77 -7.77 -23.51 4.10
C SER J 77 -6.85 -22.82 5.11
N PRO J 78 -7.04 -21.55 5.44
CA PRO J 78 -8.04 -20.64 4.86
C PRO J 78 -7.75 -20.17 3.42
N PHE J 79 -8.81 -20.08 2.64
CA PHE J 79 -8.76 -19.54 1.31
C PHE J 79 -9.20 -18.11 1.35
N GLN J 80 -8.85 -17.36 0.33
CA GLN J 80 -9.41 -16.04 0.16
C GLN J 80 -9.86 -15.88 -1.27
N PHE J 81 -10.79 -14.98 -1.48
CA PHE J 81 -11.25 -14.62 -2.80
C PHE J 81 -11.72 -13.17 -2.78
N THR J 82 -11.72 -12.54 -3.94
CA THR J 82 -12.15 -11.14 -4.06
C THR J 82 -13.54 -11.16 -4.68
N VAL J 83 -14.37 -10.18 -4.35
CA VAL J 83 -15.75 -10.10 -4.86
C VAL J 83 -15.92 -8.95 -5.83
N GLY J 84 -16.91 -9.06 -6.72
CA GLY J 84 -17.21 -8.00 -7.69
C GLY J 84 -16.71 -8.37 -9.09
N PRO J 85 -17.15 -7.67 -10.14
CA PRO J 85 -18.02 -6.53 -10.03
C PRO J 85 -19.47 -6.93 -9.86
N LEU J 86 -20.30 -5.93 -9.62
CA LEU J 86 -21.71 -6.13 -9.35
C LEU J 86 -22.64 -6.03 -10.58
N GLY J 87 -22.15 -5.60 -11.73
CA GLY J 87 -23.02 -5.41 -12.91
C GLY J 87 -23.80 -4.11 -12.86
N GLU J 88 -23.40 -3.18 -12.00
CA GLU J 88 -24.02 -1.85 -11.90
C GLU J 88 -23.23 -0.79 -12.69
N GLY J 89 -22.16 -1.17 -13.41
CA GLY J 89 -21.30 -0.25 -14.20
C GLY J 89 -20.51 0.85 -13.50
N GLY J 90 -20.10 0.58 -12.26
CA GLY J 90 -19.43 1.61 -11.46
C GLY J 90 -18.02 1.92 -12.00
N ALA J 91 -17.27 0.85 -12.30
CA ALA J 91 -15.85 0.98 -12.70
C ALA J 91 -15.61 1.94 -13.88
N HIS J 92 -16.49 1.88 -14.88
CA HIS J 92 -16.35 2.73 -16.07
C HIS J 92 -16.57 4.22 -15.77
N LYS J 93 -17.11 4.55 -14.58
CA LYS J 93 -17.29 5.96 -14.16
C LYS J 93 -16.09 6.57 -13.38
N VAL J 94 -15.13 5.74 -13.01
CA VAL J 94 -13.91 6.18 -12.30
C VAL J 94 -12.89 6.64 -13.33
N ARG J 95 -12.14 7.68 -12.99
CA ARG J 95 -11.00 8.11 -13.79
C ARG J 95 -9.79 8.25 -12.85
N ALA J 96 -8.63 7.97 -13.40
CA ALA J 96 -7.37 8.17 -12.73
C ALA J 96 -6.41 8.85 -13.65
N GLY J 97 -5.54 9.65 -13.06
CA GLY J 97 -4.49 10.28 -13.88
C GLY J 97 -3.41 10.92 -13.03
N GLY J 98 -2.21 11.07 -13.62
CA GLY J 98 -1.17 11.87 -12.98
C GLY J 98 0.18 11.36 -13.33
N PRO J 99 1.22 12.07 -12.90
CA PRO J 99 2.62 11.65 -13.20
C PRO J 99 2.97 10.24 -12.81
N GLY J 100 2.53 9.81 -11.64
CA GLY J 100 2.77 8.43 -11.20
C GLY J 100 2.18 7.33 -12.07
N LEU J 101 1.22 7.66 -12.94
CA LEU J 101 0.77 6.71 -13.94
C LEU J 101 1.46 6.90 -15.31
N GLU J 102 2.49 7.74 -15.39
CA GLU J 102 3.22 7.99 -16.68
C GLU J 102 4.73 7.63 -16.57
N ARG J 103 5.43 8.14 -15.56
CA ARG J 103 6.84 7.87 -15.33
C ARG J 103 7.11 8.05 -13.87
N ALA J 104 8.16 7.38 -13.36
CA ALA J 104 8.53 7.55 -11.94
C ALA J 104 10.01 7.33 -11.73
N GLU J 105 10.49 7.59 -10.51
CA GLU J 105 11.85 7.38 -10.13
C GLU J 105 11.93 6.51 -8.88
N ALA J 106 12.86 5.55 -8.88
CA ALA J 106 13.06 4.66 -7.75
C ALA J 106 13.30 5.48 -6.47
N GLY J 107 12.60 5.11 -5.42
CA GLY J 107 12.74 5.78 -4.14
C GLY J 107 11.97 7.04 -3.96
N VAL J 108 11.28 7.54 -5.01
CA VAL J 108 10.54 8.83 -4.90
C VAL J 108 9.03 8.65 -5.12
N PRO J 109 8.22 9.20 -4.20
CA PRO J 109 6.78 9.03 -4.33
C PRO J 109 6.23 9.36 -5.73
N ALA J 110 5.56 8.41 -6.36
CA ALA J 110 4.98 8.61 -7.68
C ALA J 110 3.50 8.86 -7.41
N GLU J 111 2.98 10.01 -7.82
CA GLU J 111 1.69 10.46 -7.31
C GLU J 111 0.64 10.48 -8.43
N PHE J 112 -0.59 10.08 -8.09
CA PHE J 112 -1.71 10.25 -9.02
C PHE J 112 -3.01 10.41 -8.28
N SER J 113 -4.01 10.87 -8.99
CA SER J 113 -5.35 11.06 -8.41
C SER J 113 -6.32 10.11 -9.03
N ILE J 114 -7.38 9.87 -8.28
CA ILE J 114 -8.49 9.03 -8.70
C ILE J 114 -9.80 9.79 -8.39
N TRP J 115 -10.65 9.91 -9.38
CA TRP J 115 -11.99 10.48 -9.21
C TRP J 115 -13.02 9.36 -9.11
N THR J 116 -13.68 9.24 -7.95
CA THR J 116 -14.53 8.08 -7.63
C THR J 116 -15.96 8.46 -7.29
N ARG J 117 -16.27 9.76 -7.21
CA ARG J 117 -17.57 10.24 -6.74
C ARG J 117 -18.72 9.71 -7.63
N GLU J 118 -18.51 9.63 -8.95
CA GLU J 118 -19.56 9.19 -9.86
C GLU J 118 -19.88 7.69 -9.71
N ALA J 119 -18.90 6.89 -9.28
CA ALA J 119 -19.09 5.45 -9.08
C ALA J 119 -19.82 5.19 -7.77
N GLY J 120 -19.59 6.04 -6.78
CA GLY J 120 -20.26 5.90 -5.48
C GLY J 120 -19.58 4.85 -4.65
N ALA J 121 -20.34 4.22 -3.77
CA ALA J 121 -19.79 3.29 -2.79
C ALA J 121 -19.28 2.03 -3.49
N GLY J 122 -18.22 1.45 -2.93
CA GLY J 122 -17.64 0.21 -3.47
C GLY J 122 -16.25 -0.01 -2.89
N GLY J 123 -15.46 -0.80 -3.60
CA GLY J 123 -14.09 -1.14 -3.23
C GLY J 123 -13.10 -0.70 -4.30
N LEU J 124 -12.08 0.06 -3.86
CA LEU J 124 -11.02 0.50 -4.77
C LEU J 124 -9.77 -0.28 -4.47
N ALA J 125 -9.20 -0.90 -5.49
CA ALA J 125 -7.99 -1.56 -5.36
C ALA J 125 -6.91 -0.94 -6.21
N ILE J 126 -5.73 -0.79 -5.60
CA ILE J 126 -4.57 -0.24 -6.28
C ILE J 126 -3.50 -1.30 -6.17
N ALA J 127 -3.01 -1.81 -7.29
CA ALA J 127 -1.93 -2.74 -7.26
C ALA J 127 -0.74 -2.24 -8.12
N VAL J 128 0.45 -2.65 -7.73
CA VAL J 128 1.68 -2.30 -8.39
C VAL J 128 2.47 -3.55 -8.53
N GLU J 129 2.74 -3.91 -9.78
CA GLU J 129 3.56 -5.04 -10.11
C GLU J 129 4.86 -4.70 -10.81
N GLY J 130 5.90 -5.35 -10.39
CA GLY J 130 7.24 -5.10 -11.06
C GLY J 130 8.41 -5.62 -10.28
N PRO J 131 9.61 -5.15 -10.58
CA PRO J 131 10.81 -5.80 -9.96
C PRO J 131 11.01 -5.54 -8.45
N SER J 132 10.17 -4.77 -7.80
CA SER J 132 10.30 -4.58 -6.31
C SER J 132 8.93 -4.25 -5.75
N LYS J 133 8.83 -4.43 -4.43
CA LYS J 133 7.61 -4.18 -3.66
C LYS J 133 7.30 -2.67 -3.54
N ALA J 134 6.05 -2.28 -3.72
CA ALA J 134 5.63 -0.89 -3.60
C ALA J 134 5.09 -0.61 -2.18
N GLU J 135 5.46 0.55 -1.62
CA GLU J 135 4.73 1.09 -0.50
C GLU J 135 3.72 2.03 -1.11
N ILE J 136 2.44 1.85 -0.73
CA ILE J 136 1.35 2.63 -1.30
C ILE J 136 0.74 3.51 -0.21
N SER J 137 0.55 4.80 -0.54
CA SER J 137 -0.11 5.80 0.32
C SER J 137 -1.48 6.25 -0.21
N PHE J 138 -2.47 6.43 0.67
CA PHE J 138 -3.83 6.90 0.29
C PHE J 138 -4.16 8.20 1.02
N GLU J 139 -4.67 9.15 0.26
CA GLU J 139 -5.20 10.37 0.82
C GLU J 139 -6.66 10.53 0.44
N ASP J 140 -7.53 10.54 1.44
CA ASP J 140 -8.95 10.90 1.21
C ASP J 140 -9.07 12.38 1.15
N ARG J 141 -9.81 12.87 0.18
CA ARG J 141 -10.05 14.30 0.11
C ARG J 141 -11.54 14.49 0.19
N LYS J 142 -11.96 15.62 0.70
CA LYS J 142 -13.40 15.84 0.81
C LYS J 142 -14.00 16.44 -0.50
N ASP J 143 -13.22 16.48 -1.57
CA ASP J 143 -13.62 17.08 -2.84
C ASP J 143 -14.02 16.05 -3.90
N GLY J 144 -14.26 14.80 -3.51
CA GLY J 144 -14.65 13.72 -4.43
C GLY J 144 -13.51 12.96 -5.11
N SER J 145 -12.26 13.36 -4.82
CA SER J 145 -11.04 12.72 -5.34
C SER J 145 -10.27 12.01 -4.21
N CYS J 146 -9.40 11.09 -4.60
CA CYS J 146 -8.49 10.36 -3.70
C CYS J 146 -7.10 10.70 -4.25
N GLY J 147 -6.11 10.93 -3.40
CA GLY J 147 -4.68 10.96 -3.84
C GLY J 147 -4.07 9.60 -3.55
N VAL J 148 -3.30 9.06 -4.47
CA VAL J 148 -2.50 7.85 -4.22
C VAL J 148 -1.04 8.18 -4.52
N ALA J 149 -0.15 7.58 -3.76
CA ALA J 149 1.27 7.64 -4.07
C ALA J 149 1.82 6.25 -3.80
N TYR J 150 2.87 5.88 -4.54
CA TYR J 150 3.63 4.69 -4.25
C TYR J 150 5.13 5.00 -4.37
N VAL J 151 5.91 4.19 -3.67
CA VAL J 151 7.39 4.23 -3.79
C VAL J 151 7.89 2.83 -4.06
N VAL J 152 8.66 2.64 -5.13
CA VAL J 152 9.28 1.36 -5.44
C VAL J 152 10.78 1.55 -5.45
N GLN J 153 11.47 0.53 -5.03
CA GLN J 153 12.87 0.55 -4.65
C GLN J 153 13.83 0.25 -5.77
N GLU J 154 13.31 -0.33 -6.86
CA GLU J 154 14.13 -0.67 -8.04
C GLU J 154 13.64 -0.04 -9.32
N PRO J 155 14.56 0.34 -10.20
CA PRO J 155 14.13 0.78 -11.52
C PRO J 155 13.68 -0.38 -12.37
N GLY J 156 12.86 -0.08 -13.38
CA GLY J 156 12.26 -1.10 -14.24
C GLY J 156 10.92 -0.68 -14.75
N ASP J 157 10.21 -1.56 -15.44
CA ASP J 157 8.84 -1.27 -15.93
C ASP J 157 7.85 -1.90 -15.00
N TYR J 158 6.94 -1.09 -14.47
CA TYR J 158 5.95 -1.47 -13.48
C TYR J 158 4.57 -1.34 -14.09
N GLU J 159 3.65 -2.12 -13.54
CA GLU J 159 2.26 -2.08 -13.98
C GLU J 159 1.46 -1.64 -12.83
N VAL J 160 0.76 -0.51 -13.00
CA VAL J 160 -0.13 -0.02 -11.97
C VAL J 160 -1.57 -0.31 -12.39
N SER J 161 -2.29 -1.01 -11.52
CA SER J 161 -3.68 -1.37 -11.73
C SER J 161 -4.58 -0.55 -10.81
N VAL J 162 -5.66 0.00 -11.35
CA VAL J 162 -6.67 0.62 -10.55
C VAL J 162 -8.04 -0.02 -10.87
N LYS J 163 -8.63 -0.64 -9.86
CA LYS J 163 -9.87 -1.35 -10.03
C LYS J 163 -10.92 -0.87 -9.09
N PHE J 164 -12.18 -0.86 -9.53
CA PHE J 164 -13.36 -0.62 -8.73
C PHE J 164 -14.24 -1.86 -8.79
N ASN J 165 -14.48 -2.44 -7.62
CA ASN J 165 -15.13 -3.75 -7.51
C ASN J 165 -14.52 -4.78 -8.46
N GLU J 166 -13.19 -4.80 -8.48
CA GLU J 166 -12.43 -5.78 -9.24
C GLU J 166 -12.58 -5.71 -10.74
N GLU J 167 -13.11 -4.61 -11.24
CA GLU J 167 -13.04 -4.26 -12.66
C GLU J 167 -12.03 -3.10 -12.86
N HIS J 168 -11.11 -3.26 -13.77
CA HIS J 168 -10.17 -2.15 -14.14
C HIS J 168 -10.97 -0.94 -14.64
N ILE J 169 -10.57 0.22 -14.19
CA ILE J 169 -11.18 1.46 -14.66
C ILE J 169 -10.61 1.72 -16.03
N PRO J 170 -11.20 2.65 -16.79
CA PRO J 170 -10.62 3.09 -18.03
C PRO J 170 -9.12 3.38 -17.99
N ASP J 171 -8.41 2.83 -18.96
CA ASP J 171 -6.93 2.92 -19.10
C ASP J 171 -6.07 2.13 -18.10
N SER J 172 -6.69 1.39 -17.19
CA SER J 172 -5.93 0.54 -16.26
C SER J 172 -5.83 -0.82 -16.95
N PRO J 173 -4.67 -1.49 -16.96
CA PRO J 173 -3.51 -1.16 -16.17
C PRO J 173 -2.59 -0.16 -16.84
N PHE J 174 -1.89 0.63 -16.05
CA PHE J 174 -1.00 1.62 -16.63
C PHE J 174 0.43 1.06 -16.61
N VAL J 175 1.17 1.20 -17.69
CA VAL J 175 2.56 0.78 -17.69
C VAL J 175 3.42 1.99 -17.37
N VAL J 176 4.27 1.87 -16.33
CA VAL J 176 5.02 2.97 -15.86
C VAL J 176 6.51 2.66 -15.83
N PRO J 177 7.30 3.33 -16.69
CA PRO J 177 8.75 3.16 -16.57
C PRO J 177 9.32 3.91 -15.36
N VAL J 178 10.14 3.22 -14.57
CA VAL J 178 10.70 3.78 -13.33
C VAL J 178 12.21 3.86 -13.49
N ALA J 179 12.75 5.07 -13.45
CA ALA J 179 14.17 5.29 -13.63
C ALA J 179 14.88 5.43 -12.26
N SER J 180 16.21 5.35 -12.26
CA SER J 180 17.05 5.74 -11.10
C SER J 180 16.92 7.28 -10.89
N PRO J 181 16.96 7.77 -9.60
CA PRO J 181 16.87 9.21 -9.27
C PRO J 181 18.22 9.97 -9.34
N LYS K 3 -13.10 -4.06 -21.94
CA LYS K 3 -13.51 -4.39 -20.53
C LYS K 3 -12.60 -5.44 -19.86
N ARG K 4 -12.05 -5.12 -18.71
CA ARG K 4 -11.15 -6.02 -18.00
C ARG K 4 -11.51 -6.18 -16.55
N VAL K 5 -11.65 -7.42 -16.16
CA VAL K 5 -12.08 -7.76 -14.80
C VAL K 5 -11.10 -8.76 -14.19
N ALA K 6 -10.93 -8.70 -12.86
CA ALA K 6 -10.10 -9.60 -12.09
C ALA K 6 -10.93 -10.62 -11.31
N SER K 7 -10.43 -11.83 -11.28
CA SER K 7 -10.96 -12.87 -10.38
C SER K 7 -9.79 -13.57 -9.73
N SER K 8 -9.81 -13.69 -8.40
CA SER K 8 -8.70 -14.23 -7.70
C SER K 8 -9.08 -15.09 -6.58
N VAL K 9 -8.26 -16.12 -6.36
CA VAL K 9 -8.39 -16.99 -5.21
C VAL K 9 -6.99 -17.08 -4.56
N PHE K 10 -6.98 -17.30 -3.28
CA PHE K 10 -5.79 -17.51 -2.52
C PHE K 10 -5.94 -18.82 -1.79
N ILE K 11 -4.80 -19.56 -1.71
CA ILE K 11 -4.75 -20.86 -1.07
C ILE K 11 -3.59 -20.83 -0.08
N THR K 12 -3.88 -21.28 1.14
CA THR K 12 -2.83 -21.47 2.14
C THR K 12 -2.16 -22.84 1.91
N LEU K 13 -0.89 -22.84 1.52
CA LEU K 13 -0.16 -24.09 1.35
C LEU K 13 0.57 -24.52 2.63
N ALA K 14 0.31 -25.77 3.05
CA ALA K 14 0.93 -26.43 4.20
C ALA K 14 2.19 -27.16 3.70
N PRO K 15 2.89 -27.88 4.59
CA PRO K 15 3.92 -28.85 4.07
C PRO K 15 3.48 -30.32 3.97
N LYS L 3 12.35 -11.09 -12.26
CA LYS L 3 11.60 -11.21 -10.95
C LYS L 3 10.44 -10.18 -10.83
N ARG L 4 9.25 -10.66 -10.56
CA ARG L 4 8.06 -9.81 -10.56
C ARG L 4 7.25 -10.05 -9.31
N VAL L 5 7.10 -8.99 -8.51
CA VAL L 5 6.39 -9.07 -7.20
C VAL L 5 5.16 -8.14 -7.23
N ALA L 6 4.09 -8.51 -6.52
CA ALA L 6 2.82 -7.77 -6.44
C ALA L 6 2.68 -7.08 -5.07
N SER L 7 2.22 -5.85 -5.15
CA SER L 7 1.83 -5.11 -3.95
C SER L 7 0.44 -4.55 -4.21
N SER L 8 -0.43 -4.65 -3.21
CA SER L 8 -1.76 -4.18 -3.43
C SER L 8 -2.39 -3.72 -2.13
N VAL L 9 -3.21 -2.69 -2.27
CA VAL L 9 -3.99 -2.12 -1.21
C VAL L 9 -5.45 -2.02 -1.65
N PHE L 10 -6.34 -2.07 -0.66
CA PHE L 10 -7.75 -1.93 -0.89
C PHE L 10 -8.31 -0.90 0.05
N ILE L 11 -9.20 -0.04 -0.48
CA ILE L 11 -9.83 1.11 0.24
C ILE L 11 -11.35 0.90 0.16
N THR L 12 -12.00 0.97 1.31
CA THR L 12 -13.44 0.97 1.35
C THR L 12 -13.96 2.34 1.01
N LEU L 13 -14.65 2.47 -0.11
CA LEU L 13 -15.28 3.75 -0.46
C LEU L 13 -16.71 3.79 0.05
N ALA L 14 -16.97 4.84 0.83
CA ALA L 14 -18.31 5.10 1.46
C ALA L 14 -19.23 5.77 0.43
N PRO L 15 -20.55 5.68 0.63
CA PRO L 15 -21.45 6.50 -0.23
C PRO L 15 -21.06 8.00 -0.18
N PRO L 16 -21.11 8.73 -1.32
CA PRO L 16 -20.84 10.19 -1.38
C PRO L 16 -21.59 11.03 -0.30
#